data_4PFT
#
_entry.id   4PFT
#
_cell.length_a   96.489
_cell.length_b   53.540
_cell.length_c   106.280
_cell.angle_alpha   90.00
_cell.angle_beta   110.47
_cell.angle_gamma   90.00
#
_symmetry.space_group_name_H-M   'P 1 21 1'
#
loop_
_entity.id
_entity.type
_entity.pdbx_description
1 polymer 'ABC transporter substrate-binding protein'
2 branched beta-D-mannopyranose-(1-4)-beta-D-mannopyranose
3 non-polymer 'MAGNESIUM ION'
4 non-polymer 'NITRATE ION'
5 water water
#
_entity_poly.entity_id   1
_entity_poly.type   'polypeptide(L)'
_entity_poly.pdbx_seq_one_letter_code
;MTFERNKTLYWGGALWSPPSNWNPFTPWNAVAGTIGLVYEPLFLYDPLNDKFEPWLAEKGEWVSNNEYVLTLRKGLRWQD
GVPLTADDVVFTFEIAKKYTGISYSPVWNWLGRIERVDERTLKFVFSDPRYQEWKQMLINTPIVPKHIWENKTEEEVLQA
ANENPVGSGPYYVESWADDRCVFKKNGNWWGIRELGYDPKPERIVELRVLSNNVAVGMLMKGELDWSNFFLPGVPVLKKA
YGIVTWYENAPYMLPANTAGIYINVNKYPLSIPEFRRAMAYAINPEKIVTRAYENMVTAANPAGILPLPGYMKYYPKEVV
DKYGFKYDPEMAKKILDELGFKDVNKDGFREDPNGKPFKLTIECPYGWTDWMVSIQSIAEDLVKVGINVEPKYPDYSKYA
DDLYGGKFDLILNNFTTGVSATIWSYFNGVFYPDAVESEYSYSGNFGKYANPEVETLLDELNRSNDDAKIKEVVAKLSEI
LLKDLPFIPLWYNGAWFQASEAVWTNWPTEKNPYAVPIGWNGWWQLTGIKTLFGIEAKHHHHHH
;
_entity_poly.pdbx_strand_id   A,B
#
# COMPACT_ATOMS: atom_id res chain seq x y z
N PHE A 3 18.60 -2.01 -12.64
CA PHE A 3 18.24 -2.93 -13.70
C PHE A 3 18.41 -2.29 -15.07
N GLU A 4 19.22 -2.93 -15.91
CA GLU A 4 19.32 -2.59 -17.33
C GLU A 4 17.93 -2.49 -17.95
N ARG A 5 17.53 -1.28 -18.37
CA ARG A 5 16.15 -1.05 -18.81
C ARG A 5 15.73 -1.92 -19.99
N ASN A 6 16.66 -2.13 -20.93
CA ASN A 6 16.36 -2.86 -22.16
C ASN A 6 16.35 -4.38 -21.98
N LYS A 7 16.68 -4.84 -20.77
CA LYS A 7 16.64 -6.26 -20.45
C LYS A 7 15.53 -6.58 -19.47
N THR A 8 14.71 -5.56 -19.18
CA THR A 8 13.73 -5.68 -18.11
C THR A 8 12.31 -5.42 -18.63
N LEU A 9 11.37 -6.26 -18.20
CA LEU A 9 9.97 -6.10 -18.57
C LEU A 9 9.16 -5.62 -17.38
N TYR A 10 8.61 -4.41 -17.48
CA TYR A 10 7.75 -3.90 -16.42
C TYR A 10 6.30 -4.22 -16.75
N TRP A 11 5.67 -4.91 -15.82
CA TRP A 11 4.34 -5.44 -16.02
C TRP A 11 3.47 -5.15 -14.79
N GLY A 12 2.20 -4.82 -15.03
CA GLY A 12 1.29 -4.64 -13.91
C GLY A 12 -0.15 -4.88 -14.32
N GLY A 13 -1.02 -4.90 -13.33
CA GLY A 13 -2.45 -5.10 -13.57
C GLY A 13 -3.00 -6.16 -12.63
N ALA A 14 -2.12 -6.94 -12.00
CA ALA A 14 -2.54 -8.07 -11.19
C ALA A 14 -2.11 -8.01 -9.72
N LEU A 15 -1.40 -6.95 -9.32
CA LEU A 15 -0.83 -6.86 -7.98
C LEU A 15 -1.50 -5.71 -7.21
N TRP A 16 -2.41 -6.05 -6.31
CA TRP A 16 -3.27 -5.05 -5.66
C TRP A 16 -3.18 -5.14 -4.15
N SER A 17 -2.15 -5.82 -3.69
N SER A 17 -2.14 -5.82 -3.69
CA SER A 17 -1.80 -5.85 -2.27
CA SER A 17 -1.81 -5.94 -2.27
C SER A 17 -0.30 -6.02 -2.20
C SER A 17 -0.29 -6.06 -2.20
N PRO A 18 0.33 -5.61 -1.09
CA PRO A 18 1.79 -5.70 -1.03
C PRO A 18 2.24 -7.16 -1.12
N PRO A 19 3.24 -7.45 -1.95
CA PRO A 19 3.79 -8.81 -2.09
C PRO A 19 4.21 -9.42 -0.75
N SER A 20 3.63 -10.55 -0.38
CA SER A 20 4.04 -11.18 0.88
C SER A 20 3.83 -12.68 0.91
N ASN A 21 3.29 -13.23 -0.18
CA ASN A 21 2.95 -14.65 -0.24
C ASN A 21 3.22 -15.20 -1.62
N TRP A 22 3.85 -16.38 -1.68
CA TRP A 22 4.08 -17.06 -2.96
C TRP A 22 3.72 -18.54 -2.79
N ASN A 23 2.67 -18.79 -2.04
CA ASN A 23 2.26 -20.16 -1.71
C ASN A 23 1.36 -20.71 -2.81
N PRO A 24 1.81 -21.78 -3.49
CA PRO A 24 1.02 -22.27 -4.63
C PRO A 24 -0.30 -22.91 -4.21
N PHE A 25 -0.47 -23.19 -2.93
CA PHE A 25 -1.72 -23.80 -2.46
C PHE A 25 -2.76 -22.73 -2.18
N THR A 26 -2.33 -21.46 -2.14
CA THR A 26 -3.26 -20.36 -1.85
C THR A 26 -3.16 -19.21 -2.84
N PRO A 27 -3.51 -19.47 -4.11
CA PRO A 27 -3.35 -18.49 -5.19
C PRO A 27 -4.17 -17.20 -4.98
N TRP A 28 -5.14 -17.20 -4.07
CA TRP A 28 -5.88 -15.97 -3.76
C TRP A 28 -5.00 -14.96 -3.02
N ASN A 29 -3.99 -15.44 -2.30
CA ASN A 29 -3.08 -14.54 -1.59
C ASN A 29 -1.71 -14.43 -2.24
N ALA A 30 -1.34 -15.42 -3.06
CA ALA A 30 -0.03 -15.44 -3.73
C ALA A 30 0.09 -14.33 -4.77
N VAL A 31 1.29 -13.79 -4.91
CA VAL A 31 1.62 -12.82 -5.95
C VAL A 31 1.31 -13.41 -7.31
N ALA A 32 0.56 -12.68 -8.15
CA ALA A 32 0.23 -13.21 -9.46
C ALA A 32 1.49 -13.57 -10.23
N GLY A 33 1.46 -14.76 -10.85
CA GLY A 33 2.64 -15.27 -11.52
C GLY A 33 3.29 -16.36 -10.72
N THR A 34 2.94 -16.45 -9.43
CA THR A 34 3.36 -17.58 -8.60
C THR A 34 2.97 -18.84 -9.34
N ILE A 35 1.75 -18.85 -9.85
CA ILE A 35 1.34 -19.90 -10.79
C ILE A 35 1.59 -19.38 -12.19
N GLY A 36 2.56 -19.98 -12.89
CA GLY A 36 2.88 -19.56 -14.24
C GLY A 36 4.36 -19.29 -14.39
N LEU A 37 4.87 -18.27 -13.69
CA LEU A 37 6.29 -17.94 -13.74
C LEU A 37 7.12 -18.91 -12.91
N VAL A 38 6.59 -19.25 -11.73
CA VAL A 38 7.34 -20.05 -10.75
C VAL A 38 6.87 -21.50 -10.74
N TYR A 39 5.60 -21.73 -10.39
CA TYR A 39 5.04 -23.07 -10.43
C TYR A 39 4.28 -23.30 -11.74
N GLU A 40 4.41 -24.51 -12.27
CA GLU A 40 3.87 -24.83 -13.59
C GLU A 40 2.83 -25.94 -13.57
N PRO A 41 1.91 -25.91 -14.56
CA PRO A 41 0.88 -26.94 -14.72
C PRO A 41 1.28 -28.05 -15.69
N LEU A 42 0.49 -29.12 -15.70
CA LEU A 42 0.72 -30.22 -16.62
C LEU A 42 0.45 -29.82 -18.07
N PHE A 43 -0.56 -28.98 -18.24
CA PHE A 43 -1.00 -28.52 -19.56
C PHE A 43 -1.25 -27.02 -19.58
N LEU A 44 -1.11 -26.41 -20.76
CA LEU A 44 -1.74 -25.11 -21.02
C LEU A 44 -3.07 -25.34 -21.72
N TYR A 45 -3.96 -24.36 -21.67
CA TYR A 45 -5.13 -24.42 -22.56
C TYR A 45 -5.21 -23.17 -23.41
N ASP A 46 -5.34 -23.33 -24.73
CA ASP A 46 -5.48 -22.18 -25.62
C ASP A 46 -6.94 -21.89 -25.90
N PRO A 47 -7.47 -20.83 -25.28
CA PRO A 47 -8.90 -20.54 -25.39
C PRO A 47 -9.31 -20.00 -26.75
N LEU A 48 -8.34 -19.55 -27.53
CA LEU A 48 -8.61 -19.04 -28.86
C LEU A 48 -8.90 -20.18 -29.84
N ASN A 49 -8.42 -21.37 -29.50
CA ASN A 49 -8.56 -22.51 -30.41
C ASN A 49 -9.09 -23.78 -29.73
N ASP A 50 -9.47 -23.64 -28.46
CA ASP A 50 -10.01 -24.75 -27.69
C ASP A 50 -9.11 -25.96 -27.81
N LYS A 51 -7.82 -25.78 -27.47
CA LYS A 51 -6.82 -26.83 -27.62
C LYS A 51 -5.88 -26.89 -26.42
N PHE A 52 -5.70 -28.09 -25.88
CA PHE A 52 -4.73 -28.30 -24.82
C PHE A 52 -3.33 -28.36 -25.41
N GLU A 53 -2.37 -27.82 -24.68
CA GLU A 53 -0.97 -27.91 -25.08
C GLU A 53 -0.17 -28.53 -23.95
N PRO A 54 0.47 -29.68 -24.21
CA PRO A 54 1.23 -30.33 -23.14
C PRO A 54 2.34 -29.41 -22.64
N TRP A 55 2.44 -29.26 -21.32
CA TRP A 55 3.47 -28.41 -20.76
C TRP A 55 4.47 -29.25 -19.97
N LEU A 56 4.25 -29.45 -18.68
CA LEU A 56 5.10 -30.42 -17.97
C LEU A 56 4.85 -31.83 -18.52
N ALA A 57 3.58 -32.12 -18.84
CA ALA A 57 3.27 -33.37 -19.50
C ALA A 57 3.80 -33.39 -20.93
N GLU A 58 4.16 -34.58 -21.39
CA GLU A 58 4.46 -34.80 -22.80
C GLU A 58 3.16 -35.11 -23.52
N LYS A 59 2.28 -35.82 -22.81
CA LYS A 59 1.06 -36.35 -23.40
C LYS A 59 0.08 -36.72 -22.29
N GLY A 60 -1.21 -36.60 -22.56
CA GLY A 60 -2.23 -37.07 -21.64
C GLY A 60 -3.47 -37.52 -22.39
N GLU A 61 -4.06 -38.65 -22.00
CA GLU A 61 -5.28 -39.09 -22.66
C GLU A 61 -6.11 -40.07 -21.82
N TRP A 62 -7.42 -40.04 -22.06
CA TRP A 62 -8.29 -41.06 -21.48
C TRP A 62 -8.08 -42.35 -22.27
N VAL A 63 -7.74 -43.44 -21.57
CA VAL A 63 -7.54 -44.73 -22.25
C VAL A 63 -8.70 -45.68 -21.99
N SER A 64 -9.70 -45.18 -21.26
CA SER A 64 -10.97 -45.87 -21.00
C SER A 64 -11.92 -44.86 -20.37
N ASN A 65 -13.14 -45.28 -20.05
N ASN A 65 -13.11 -45.33 -20.02
CA ASN A 65 -14.07 -44.36 -19.39
CA ASN A 65 -14.13 -44.50 -19.38
C ASN A 65 -13.50 -43.76 -18.10
C ASN A 65 -13.70 -43.93 -18.02
N ASN A 66 -12.75 -44.57 -17.35
CA ASN A 66 -12.32 -44.12 -16.03
C ASN A 66 -10.80 -44.13 -15.79
N GLU A 67 -10.00 -44.21 -16.84
CA GLU A 67 -8.54 -44.18 -16.67
C GLU A 67 -7.90 -43.11 -17.53
N TYR A 68 -7.11 -42.24 -16.91
CA TYR A 68 -6.42 -41.20 -17.65
C TYR A 68 -4.92 -41.41 -17.49
N VAL A 69 -4.23 -41.60 -18.60
CA VAL A 69 -2.80 -41.88 -18.59
C VAL A 69 -2.01 -40.62 -18.90
N LEU A 70 -1.17 -40.22 -17.96
CA LEU A 70 -0.37 -39.01 -18.09
C LEU A 70 1.08 -39.37 -18.34
N THR A 71 1.67 -38.83 -19.40
CA THR A 71 3.09 -39.05 -19.65
C THR A 71 3.86 -37.75 -19.43
N LEU A 72 4.80 -37.76 -18.49
CA LEU A 72 5.65 -36.60 -18.20
C LEU A 72 6.80 -36.50 -19.19
N ARG A 73 7.17 -35.27 -19.57
CA ARG A 73 8.42 -35.08 -20.33
C ARG A 73 9.62 -35.56 -19.55
N LYS A 74 10.66 -35.97 -20.28
CA LYS A 74 11.96 -36.22 -19.69
C LYS A 74 12.67 -34.88 -19.45
N GLY A 75 13.63 -34.87 -18.53
CA GLY A 75 14.51 -33.73 -18.36
C GLY A 75 13.91 -32.50 -17.69
N LEU A 76 12.82 -32.70 -16.95
CA LEU A 76 12.23 -31.61 -16.17
C LEU A 76 13.06 -31.43 -14.90
N ARG A 77 13.28 -30.19 -14.44
CA ARG A 77 13.98 -30.02 -13.16
C ARG A 77 13.43 -28.84 -12.37
N TRP A 78 13.55 -28.94 -11.06
CA TRP A 78 13.19 -27.84 -10.18
C TRP A 78 14.26 -26.76 -10.25
N GLN A 79 13.91 -25.54 -9.83
CA GLN A 79 14.85 -24.42 -9.92
C GLN A 79 16.08 -24.65 -9.04
N ASP A 80 15.99 -25.57 -8.08
CA ASP A 80 17.15 -25.86 -7.22
C ASP A 80 18.00 -27.01 -7.76
N GLY A 81 17.67 -27.50 -8.95
CA GLY A 81 18.48 -28.52 -9.60
C GLY A 81 17.94 -29.94 -9.49
N VAL A 82 17.06 -30.16 -8.51
CA VAL A 82 16.52 -31.49 -8.28
C VAL A 82 15.58 -31.84 -9.43
N PRO A 83 15.71 -33.06 -9.97
CA PRO A 83 14.80 -33.52 -11.03
C PRO A 83 13.32 -33.45 -10.64
N LEU A 84 12.49 -33.00 -11.56
CA LEU A 84 11.04 -33.06 -11.40
C LEU A 84 10.56 -34.32 -12.09
N THR A 85 9.95 -35.23 -11.33
CA THR A 85 9.57 -36.52 -11.89
C THR A 85 8.12 -36.83 -11.56
N ALA A 86 7.65 -37.99 -11.98
CA ALA A 86 6.27 -38.38 -11.70
C ALA A 86 6.02 -38.48 -10.18
N ASP A 87 7.07 -38.70 -9.39
CA ASP A 87 6.94 -38.69 -7.93
C ASP A 87 6.29 -37.39 -7.48
N ASP A 88 6.71 -36.28 -8.10
CA ASP A 88 6.23 -34.96 -7.71
C ASP A 88 4.78 -34.79 -8.09
N VAL A 89 4.39 -35.34 -9.24
CA VAL A 89 3.00 -35.24 -9.66
C VAL A 89 2.11 -36.07 -8.74
N VAL A 90 2.57 -37.28 -8.40
CA VAL A 90 1.83 -38.11 -7.47
C VAL A 90 1.67 -37.38 -6.13
N PHE A 91 2.78 -36.86 -5.62
CA PHE A 91 2.77 -36.12 -4.36
C PHE A 91 1.81 -34.93 -4.39
N THR A 92 1.82 -34.20 -5.50
CA THR A 92 0.99 -33.02 -5.66
C THR A 92 -0.48 -33.39 -5.43
N PHE A 93 -0.88 -34.56 -5.92
CA PHE A 93 -2.25 -35.03 -5.70
C PHE A 93 -2.42 -35.67 -4.33
N GLU A 94 -1.49 -36.51 -3.93
CA GLU A 94 -1.72 -37.27 -2.70
C GLU A 94 -1.60 -36.44 -1.42
N ILE A 95 -0.93 -35.29 -1.48
CA ILE A 95 -0.79 -34.47 -0.28
C ILE A 95 -2.18 -34.04 0.20
N ALA A 96 -3.12 -33.89 -0.74
CA ALA A 96 -4.47 -33.45 -0.42
C ALA A 96 -5.37 -34.59 0.06
N LYS A 97 -4.82 -35.79 0.23
CA LYS A 97 -5.61 -36.88 0.77
C LYS A 97 -5.82 -36.70 2.29
N LYS A 98 -4.72 -36.56 3.04
CA LYS A 98 -4.82 -36.33 4.48
C LYS A 98 -5.06 -34.86 4.81
N TYR A 99 -4.47 -33.97 4.03
CA TYR A 99 -4.57 -32.54 4.29
C TYR A 99 -5.85 -32.02 3.61
N THR A 100 -6.98 -32.25 4.28
CA THR A 100 -8.28 -31.99 3.68
C THR A 100 -8.54 -30.51 3.49
N GLY A 101 -7.76 -29.67 4.18
CA GLY A 101 -7.90 -28.23 4.03
C GLY A 101 -7.41 -27.66 2.70
N ILE A 102 -6.63 -28.44 1.95
CA ILE A 102 -6.21 -28.05 0.61
C ILE A 102 -7.43 -27.96 -0.32
N SER A 103 -7.48 -26.92 -1.16
CA SER A 103 -8.68 -26.65 -1.96
C SER A 103 -9.14 -27.84 -2.80
N TYR A 104 -8.18 -28.59 -3.33
CA TYR A 104 -8.57 -29.70 -4.22
C TYR A 104 -8.60 -31.06 -3.54
N SER A 105 -8.60 -31.08 -2.22
N SER A 105 -8.59 -31.08 -2.22
CA SER A 105 -8.75 -32.34 -1.48
CA SER A 105 -8.78 -32.32 -1.46
C SER A 105 -10.02 -33.13 -1.86
C SER A 105 -10.00 -33.12 -1.91
N PRO A 106 -11.12 -32.45 -2.27
CA PRO A 106 -12.26 -33.27 -2.70
C PRO A 106 -12.03 -34.09 -3.98
N VAL A 107 -10.91 -33.88 -4.67
CA VAL A 107 -10.62 -34.73 -5.85
C VAL A 107 -10.61 -36.20 -5.44
N TRP A 108 -10.24 -36.47 -4.19
CA TRP A 108 -10.14 -37.87 -3.77
C TRP A 108 -11.51 -38.50 -3.52
N ASN A 109 -12.58 -37.73 -3.69
CA ASN A 109 -13.92 -38.32 -3.68
C ASN A 109 -14.25 -39.01 -4.99
N TRP A 110 -13.51 -38.68 -6.04
CA TRP A 110 -13.83 -39.24 -7.36
C TRP A 110 -12.61 -39.80 -8.11
N LEU A 111 -11.41 -39.41 -7.68
CA LEU A 111 -10.18 -40.09 -8.09
C LEU A 111 -9.95 -41.21 -7.09
N GLY A 112 -9.76 -42.44 -7.57
CA GLY A 112 -9.53 -43.57 -6.68
C GLY A 112 -8.07 -43.77 -6.35
N ARG A 113 -7.23 -43.85 -7.38
CA ARG A 113 -5.79 -44.05 -7.15
C ARG A 113 -4.96 -43.63 -8.36
N ILE A 114 -3.66 -43.48 -8.14
CA ILE A 114 -2.72 -43.14 -9.21
C ILE A 114 -1.66 -44.22 -9.32
N GLU A 115 -1.72 -45.01 -10.40
CA GLU A 115 -0.75 -46.08 -10.58
C GLU A 115 0.51 -45.59 -11.30
N ARG A 116 1.65 -46.12 -10.89
CA ARG A 116 2.92 -45.83 -11.54
C ARG A 116 3.09 -46.82 -12.68
N VAL A 117 3.02 -46.33 -13.91
CA VAL A 117 3.05 -47.23 -15.08
C VAL A 117 4.49 -47.55 -15.45
N ASP A 118 5.30 -46.50 -15.54
CA ASP A 118 6.74 -46.67 -15.69
C ASP A 118 7.43 -45.42 -15.12
N GLU A 119 8.68 -45.19 -15.49
CA GLU A 119 9.45 -44.11 -14.86
C GLU A 119 8.73 -42.76 -14.93
N ARG A 120 8.09 -42.48 -16.05
CA ARG A 120 7.45 -41.17 -16.21
C ARG A 120 5.99 -41.24 -16.65
N THR A 121 5.34 -42.37 -16.41
CA THR A 121 3.93 -42.50 -16.78
C THR A 121 3.03 -42.84 -15.59
N LEU A 122 1.95 -42.08 -15.45
CA LEU A 122 0.98 -42.29 -14.39
C LEU A 122 -0.38 -42.64 -14.98
N LYS A 123 -1.09 -43.58 -14.35
CA LYS A 123 -2.48 -43.83 -14.74
C LYS A 123 -3.40 -43.40 -13.61
N PHE A 124 -4.21 -42.39 -13.88
CA PHE A 124 -5.19 -41.95 -12.89
C PHE A 124 -6.43 -42.79 -13.03
N VAL A 125 -6.77 -43.52 -11.97
CA VAL A 125 -7.94 -44.40 -11.97
C VAL A 125 -9.05 -43.76 -11.14
N PHE A 126 -10.17 -43.49 -11.79
CA PHE A 126 -11.27 -42.73 -11.19
C PHE A 126 -12.41 -43.62 -10.78
N SER A 127 -12.93 -43.37 -9.59
CA SER A 127 -14.14 -44.03 -9.11
C SER A 127 -15.36 -43.34 -9.74
N ASP A 128 -15.18 -42.08 -10.09
CA ASP A 128 -16.28 -41.25 -10.57
C ASP A 128 -15.73 -40.22 -11.55
N PRO A 129 -15.72 -40.55 -12.84
CA PRO A 129 -14.97 -39.72 -13.80
C PRO A 129 -15.65 -38.39 -14.06
N ARG A 130 -15.17 -37.33 -13.44
CA ARG A 130 -15.68 -35.98 -13.64
C ARG A 130 -14.86 -35.26 -14.72
N TYR A 131 -15.22 -35.55 -15.98
CA TYR A 131 -14.48 -35.09 -17.16
C TYR A 131 -14.27 -33.58 -17.25
N GLN A 132 -15.31 -32.81 -16.96
CA GLN A 132 -15.21 -31.37 -17.13
C GLN A 132 -14.26 -30.76 -16.12
N GLU A 133 -14.39 -31.15 -14.85
CA GLU A 133 -13.57 -30.56 -13.82
C GLU A 133 -12.12 -31.02 -13.96
N TRP A 134 -11.94 -32.22 -14.51
CA TRP A 134 -10.59 -32.76 -14.74
C TRP A 134 -9.80 -31.88 -15.73
N LYS A 135 -10.50 -31.38 -16.74
CA LYS A 135 -9.90 -30.46 -17.71
C LYS A 135 -9.32 -29.25 -16.99
N GLN A 136 -10.07 -28.72 -16.02
CA GLN A 136 -9.62 -27.54 -15.28
C GLN A 136 -8.48 -27.91 -14.34
N MET A 137 -8.54 -29.10 -13.74
CA MET A 137 -7.43 -29.51 -12.87
C MET A 137 -6.11 -29.67 -13.61
N LEU A 138 -6.19 -30.11 -14.87
CA LEU A 138 -4.99 -30.32 -15.68
C LEU A 138 -4.26 -29.01 -16.00
N ILE A 139 -5.00 -27.90 -16.09
CA ILE A 139 -4.32 -26.63 -16.38
C ILE A 139 -4.12 -25.77 -15.13
N ASN A 140 -4.86 -26.06 -14.05
CA ASN A 140 -4.80 -25.15 -12.89
C ASN A 140 -4.02 -25.67 -11.69
N THR A 141 -3.79 -26.97 -11.63
CA THR A 141 -3.10 -27.57 -10.48
C THR A 141 -1.60 -27.43 -10.66
N PRO A 142 -0.96 -26.57 -9.84
CA PRO A 142 0.49 -26.48 -9.96
C PRO A 142 1.18 -27.71 -9.41
N ILE A 143 2.23 -28.17 -10.09
CA ILE A 143 3.03 -29.26 -9.57
C ILE A 143 4.03 -28.69 -8.56
N VAL A 144 4.10 -29.31 -7.39
CA VAL A 144 4.95 -28.81 -6.30
C VAL A 144 6.01 -29.87 -6.02
N PRO A 145 7.19 -29.45 -5.51
CA PRO A 145 8.29 -30.36 -5.23
C PRO A 145 8.14 -31.15 -3.92
N LYS A 146 8.03 -32.47 -4.07
CA LYS A 146 7.92 -33.37 -2.94
C LYS A 146 9.10 -33.18 -1.97
N HIS A 147 10.29 -32.97 -2.50
CA HIS A 147 11.45 -32.90 -1.62
C HIS A 147 11.44 -31.65 -0.73
N ILE A 148 10.58 -30.69 -1.06
CA ILE A 148 10.44 -29.48 -0.26
C ILE A 148 9.22 -29.52 0.67
N TRP A 149 8.10 -30.06 0.19
CA TRP A 149 6.83 -29.96 0.91
C TRP A 149 6.43 -31.18 1.75
N GLU A 150 7.11 -32.29 1.56
CA GLU A 150 6.66 -33.56 2.12
C GLU A 150 6.67 -33.67 3.67
N ASN A 151 7.43 -32.86 4.36
CA ASN A 151 7.36 -32.92 5.82
C ASN A 151 6.75 -31.67 6.42
N LYS A 152 6.01 -30.92 5.62
CA LYS A 152 5.33 -29.74 6.13
C LYS A 152 4.00 -30.15 6.76
N THR A 153 3.67 -29.50 7.87
CA THR A 153 2.37 -29.70 8.49
C THR A 153 1.31 -29.09 7.58
N GLU A 154 0.05 -29.44 7.81
CA GLU A 154 -1.02 -28.85 7.01
C GLU A 154 -1.05 -27.34 7.24
N GLU A 155 -0.77 -26.91 8.46
CA GLU A 155 -0.80 -25.49 8.77
C GLU A 155 0.27 -24.74 7.99
N GLU A 156 1.46 -25.34 7.88
CA GLU A 156 2.51 -24.77 7.02
C GLU A 156 2.09 -24.77 5.55
N VAL A 157 1.53 -25.88 5.09
CA VAL A 157 1.12 -25.97 3.70
C VAL A 157 0.13 -24.85 3.35
N LEU A 158 -0.81 -24.60 4.26
CA LEU A 158 -1.85 -23.59 4.00
C LEU A 158 -1.49 -22.17 4.40
N GLN A 159 -0.60 -21.98 5.37
CA GLN A 159 -0.41 -20.63 5.90
C GLN A 159 0.97 -20.04 5.61
N ALA A 160 1.93 -20.87 5.21
CA ALA A 160 3.29 -20.37 5.03
C ALA A 160 3.39 -19.37 3.88
N ALA A 161 4.19 -18.32 4.08
CA ALA A 161 4.39 -17.32 3.04
C ALA A 161 5.12 -17.88 1.82
N ASN A 162 5.99 -18.87 2.06
CA ASN A 162 6.78 -19.49 1.00
C ASN A 162 7.65 -18.46 0.25
N GLU A 163 8.29 -17.57 1.01
CA GLU A 163 9.26 -16.63 0.44
C GLU A 163 10.35 -17.40 -0.31
N ASN A 164 10.87 -16.76 -1.36
CA ASN A 164 11.84 -17.40 -2.25
C ASN A 164 11.37 -18.78 -2.73
N PRO A 165 10.19 -18.82 -3.36
CA PRO A 165 9.61 -20.10 -3.76
C PRO A 165 10.51 -20.89 -4.70
N VAL A 166 10.57 -22.20 -4.53
CA VAL A 166 11.31 -23.07 -5.43
C VAL A 166 10.29 -23.76 -6.36
N GLY A 167 10.14 -23.24 -7.57
CA GLY A 167 9.27 -23.85 -8.55
C GLY A 167 10.11 -24.51 -9.63
N SER A 168 9.50 -24.75 -10.80
CA SER A 168 10.19 -25.35 -11.93
C SER A 168 10.21 -24.38 -13.10
N GLY A 169 9.58 -23.23 -12.90
CA GLY A 169 9.27 -22.32 -13.99
C GLY A 169 10.40 -21.46 -14.49
N PRO A 170 10.12 -20.64 -15.51
CA PRO A 170 11.17 -19.88 -16.19
C PRO A 170 11.69 -18.67 -15.38
N TYR A 171 11.01 -18.31 -14.30
CA TYR A 171 11.48 -17.22 -13.43
C TYR A 171 11.37 -17.58 -11.96
N TYR A 172 12.32 -17.07 -11.16
CA TYR A 172 12.25 -17.17 -9.71
C TYR A 172 12.12 -15.77 -9.11
N VAL A 173 11.90 -15.69 -7.80
CA VAL A 173 11.75 -14.39 -7.18
C VAL A 173 13.11 -13.88 -6.70
N GLU A 174 13.51 -12.71 -7.19
CA GLU A 174 14.79 -12.15 -6.81
C GLU A 174 14.65 -11.26 -5.59
N SER A 175 13.60 -10.44 -5.58
CA SER A 175 13.39 -9.50 -4.50
C SER A 175 11.95 -9.04 -4.53
N TRP A 176 11.54 -8.33 -3.49
CA TRP A 176 10.19 -7.75 -3.52
C TRP A 176 10.12 -6.57 -2.55
N ALA A 177 9.09 -5.75 -2.70
CA ALA A 177 8.87 -4.61 -1.82
C ALA A 177 7.39 -4.25 -1.86
N ASP A 178 7.02 -3.21 -1.10
CA ASP A 178 5.63 -2.77 -1.00
C ASP A 178 4.95 -2.58 -2.37
N ASP A 179 5.72 -2.17 -3.37
CA ASP A 179 5.13 -1.85 -4.67
C ASP A 179 5.51 -2.79 -5.80
N ARG A 180 6.16 -3.92 -5.50
CA ARG A 180 6.66 -4.75 -6.58
C ARG A 180 7.19 -6.14 -6.19
N CYS A 181 7.15 -7.03 -7.16
CA CYS A 181 7.85 -8.31 -7.04
C CYS A 181 8.74 -8.46 -8.25
N VAL A 182 10.02 -8.67 -8.02
CA VAL A 182 11.00 -8.70 -9.09
C VAL A 182 11.30 -10.15 -9.42
N PHE A 183 10.91 -10.59 -10.60
CA PHE A 183 11.19 -11.96 -11.05
C PHE A 183 12.47 -11.95 -11.90
N LYS A 184 13.35 -12.92 -11.65
CA LYS A 184 14.60 -13.03 -12.38
C LYS A 184 14.60 -14.30 -13.22
N LYS A 185 15.12 -14.21 -14.44
CA LYS A 185 15.11 -15.34 -15.35
C LYS A 185 15.94 -16.51 -14.82
N ASN A 186 15.32 -17.68 -14.84
CA ASN A 186 15.96 -18.97 -14.54
C ASN A 186 16.70 -19.47 -15.77
N GLY A 187 18.01 -19.22 -15.81
CA GLY A 187 18.84 -19.63 -16.94
C GLY A 187 18.81 -21.12 -17.22
N ASN A 188 18.42 -21.91 -16.23
CA ASN A 188 18.42 -23.37 -16.37
C ASN A 188 17.04 -23.93 -16.62
N TRP A 189 16.09 -23.07 -16.97
CA TRP A 189 14.73 -23.52 -17.14
C TRP A 189 14.67 -24.65 -18.15
N TRP A 190 14.05 -25.75 -17.75
CA TRP A 190 13.96 -26.96 -18.58
C TRP A 190 13.34 -26.66 -19.96
N GLY A 191 12.47 -25.65 -20.01
CA GLY A 191 11.81 -25.30 -21.26
C GLY A 191 12.75 -24.85 -22.35
N ILE A 192 13.91 -24.31 -21.97
CA ILE A 192 14.87 -23.84 -22.97
C ILE A 192 15.40 -25.01 -23.78
N ARG A 193 15.88 -26.03 -23.09
CA ARG A 193 16.40 -27.22 -23.76
C ARG A 193 15.30 -28.11 -24.33
N GLU A 194 14.25 -28.36 -23.56
CA GLU A 194 13.30 -29.38 -23.95
C GLU A 194 12.28 -28.85 -24.97
N LEU A 195 11.93 -27.57 -24.86
CA LEU A 195 10.91 -26.99 -25.73
C LEU A 195 11.46 -26.02 -26.77
N GLY A 196 12.64 -25.47 -26.52
CA GLY A 196 13.20 -24.48 -27.42
C GLY A 196 12.60 -23.12 -27.18
N TYR A 197 11.97 -22.97 -26.01
CA TYR A 197 11.38 -21.71 -25.59
C TYR A 197 12.33 -20.96 -24.68
N ASP A 198 12.76 -19.78 -25.12
CA ASP A 198 13.68 -18.97 -24.32
C ASP A 198 13.06 -17.62 -23.99
N PRO A 199 12.63 -17.42 -22.74
CA PRO A 199 12.08 -16.10 -22.40
C PRO A 199 13.12 -15.01 -22.51
N LYS A 200 12.78 -13.92 -23.17
CA LYS A 200 13.74 -12.85 -23.46
C LYS A 200 14.05 -11.93 -22.25
N PRO A 201 13.03 -11.51 -21.49
CA PRO A 201 13.37 -10.60 -20.38
C PRO A 201 14.27 -11.23 -19.31
N GLU A 202 15.33 -10.53 -18.95
CA GLU A 202 16.20 -11.01 -17.87
C GLU A 202 15.49 -10.87 -16.54
N ARG A 203 14.67 -9.84 -16.44
CA ARG A 203 13.84 -9.60 -15.26
C ARG A 203 12.46 -9.17 -15.66
N ILE A 204 11.48 -9.60 -14.88
CA ILE A 204 10.10 -9.11 -14.96
C ILE A 204 9.77 -8.43 -13.65
N VAL A 205 9.56 -7.12 -13.71
CA VAL A 205 9.18 -6.40 -12.53
C VAL A 205 7.67 -6.26 -12.51
N GLU A 206 7.04 -6.98 -11.59
CA GLU A 206 5.60 -6.85 -11.45
C GLU A 206 5.31 -5.65 -10.54
N LEU A 207 4.63 -4.64 -11.07
CA LEU A 207 4.40 -3.42 -10.33
C LEU A 207 2.99 -3.27 -9.75
N ARG A 208 2.94 -2.64 -8.58
CA ARG A 208 1.69 -2.33 -7.89
C ARG A 208 1.47 -0.83 -7.92
N VAL A 209 0.23 -0.41 -8.20
CA VAL A 209 -0.17 0.97 -8.05
C VAL A 209 -1.44 1.04 -7.21
N LEU A 210 -1.74 2.23 -6.68
CA LEU A 210 -2.94 2.39 -5.85
C LEU A 210 -4.23 2.59 -6.66
N SER A 211 -4.08 2.96 -7.94
CA SER A 211 -5.21 3.24 -8.84
C SER A 211 -4.80 3.05 -10.30
N ASN A 212 -5.74 2.59 -11.12
CA ASN A 212 -5.52 2.52 -12.58
C ASN A 212 -4.95 3.82 -13.14
N ASN A 213 -5.36 4.95 -12.56
CA ASN A 213 -4.93 6.25 -13.10
C ASN A 213 -3.41 6.41 -13.05
N VAL A 214 -2.77 5.74 -12.10
CA VAL A 214 -1.32 5.85 -11.98
C VAL A 214 -0.62 5.19 -13.16
N ALA A 215 -1.17 4.06 -13.58
CA ALA A 215 -0.63 3.30 -14.71
C ALA A 215 -0.66 4.07 -16.04
N VAL A 216 -1.65 4.96 -16.21
CA VAL A 216 -1.74 5.76 -17.44
C VAL A 216 -0.44 6.50 -17.73
N GLY A 217 0.05 7.27 -16.78
CA GLY A 217 1.28 8.02 -17.00
C GLY A 217 2.52 7.15 -17.19
N MET A 218 2.56 6.02 -16.50
CA MET A 218 3.67 5.09 -16.67
C MET A 218 3.70 4.55 -18.09
N LEU A 219 2.54 4.17 -18.61
CA LEU A 219 2.47 3.62 -19.97
C LEU A 219 2.81 4.74 -20.98
N MET A 220 2.30 5.94 -20.72
CA MET A 220 2.59 7.10 -21.57
C MET A 220 4.09 7.39 -21.67
N LYS A 221 4.81 7.18 -20.57
CA LYS A 221 6.23 7.51 -20.52
C LYS A 221 7.13 6.31 -20.79
N GLY A 222 6.53 5.18 -21.13
CA GLY A 222 7.27 3.96 -21.41
C GLY A 222 7.94 3.39 -20.18
N GLU A 223 7.33 3.63 -19.02
CA GLU A 223 7.82 3.11 -17.75
C GLU A 223 7.18 1.79 -17.42
N LEU A 224 6.08 1.53 -18.10
CA LEU A 224 5.34 0.27 -18.02
C LEU A 224 5.40 -0.33 -19.42
N ASP A 225 5.76 -1.60 -19.54
CA ASP A 225 5.77 -2.25 -20.86
C ASP A 225 4.46 -2.98 -21.13
N TRP A 226 4.03 -3.76 -20.14
CA TRP A 226 2.92 -4.69 -20.30
C TRP A 226 1.83 -4.32 -19.30
N SER A 227 0.72 -3.77 -19.77
CA SER A 227 -0.36 -3.42 -18.85
C SER A 227 -1.54 -4.39 -18.95
N ASN A 228 -1.94 -4.97 -17.81
CA ASN A 228 -3.22 -5.64 -17.66
C ASN A 228 -4.12 -4.85 -16.73
N PHE A 229 -3.91 -3.53 -16.72
CA PHE A 229 -4.80 -2.58 -16.07
C PHE A 229 -5.93 -2.22 -17.01
N PHE A 230 -7.12 -1.96 -16.48
CA PHE A 230 -8.05 -1.19 -17.29
C PHE A 230 -7.51 0.24 -17.42
N LEU A 231 -7.38 0.69 -18.66
CA LEU A 231 -7.03 2.08 -18.91
C LEU A 231 -8.10 2.75 -19.75
N PRO A 232 -8.49 3.97 -19.38
CA PRO A 232 -9.43 4.75 -20.18
C PRO A 232 -8.71 5.43 -21.34
N GLY A 233 -9.47 5.97 -22.29
CA GLY A 233 -8.90 6.81 -23.34
C GLY A 233 -7.90 6.07 -24.21
N VAL A 234 -8.23 4.83 -24.53
CA VAL A 234 -7.36 3.99 -25.36
C VAL A 234 -7.10 4.58 -26.76
N PRO A 235 -8.13 5.14 -27.44
CA PRO A 235 -7.82 5.74 -28.75
C PRO A 235 -6.71 6.77 -28.68
N VAL A 236 -6.68 7.58 -27.63
CA VAL A 236 -5.64 8.59 -27.48
C VAL A 236 -4.29 7.94 -27.13
N LEU A 237 -4.32 6.93 -26.27
CA LEU A 237 -3.10 6.17 -25.97
C LEU A 237 -2.46 5.60 -27.23
N LYS A 238 -3.27 5.03 -28.12
CA LYS A 238 -2.74 4.43 -29.35
C LYS A 238 -2.24 5.50 -30.30
N LYS A 239 -3.04 6.57 -30.44
CA LYS A 239 -2.74 7.66 -31.38
C LYS A 239 -1.49 8.45 -31.00
N ALA A 240 -1.38 8.78 -29.72
CA ALA A 240 -0.37 9.72 -29.27
C ALA A 240 0.85 9.05 -28.64
N TYR A 241 0.70 7.82 -28.14
CA TYR A 241 1.80 7.19 -27.41
C TYR A 241 2.23 5.84 -27.97
N GLY A 242 1.77 5.53 -29.17
CA GLY A 242 2.16 4.31 -29.85
C GLY A 242 1.82 3.03 -29.12
N ILE A 243 0.79 3.08 -28.28
CA ILE A 243 0.37 1.92 -27.49
C ILE A 243 -0.30 0.87 -28.40
N VAL A 244 -0.03 -0.40 -28.13
N VAL A 244 0.02 -0.39 -28.19
CA VAL A 244 -0.57 -1.50 -28.93
CA VAL A 244 -0.63 -1.47 -28.94
C VAL A 244 -1.57 -2.35 -28.13
C VAL A 244 -1.66 -2.21 -28.10
N THR A 245 -2.68 -2.75 -28.77
CA THR A 245 -3.70 -3.54 -28.08
C THR A 245 -3.96 -4.80 -28.92
N TRP A 246 -4.83 -5.68 -28.45
CA TRP A 246 -5.13 -6.91 -29.19
C TRP A 246 -5.79 -6.64 -30.55
N TYR A 247 -6.89 -5.88 -30.53
CA TYR A 247 -7.53 -5.42 -31.76
C TYR A 247 -6.94 -4.07 -32.15
N GLU A 248 -6.72 -3.82 -33.44
CA GLU A 248 -6.14 -2.55 -33.83
C GLU A 248 -7.15 -1.43 -33.58
N ASN A 249 -8.41 -1.73 -33.85
CA ASN A 249 -9.48 -0.76 -33.65
C ASN A 249 -10.43 -1.15 -32.53
N ALA A 250 -11.45 -0.31 -32.28
CA ALA A 250 -12.47 -0.66 -31.28
C ALA A 250 -13.04 -2.05 -31.58
N PRO A 251 -13.35 -2.85 -30.55
CA PRO A 251 -13.38 -2.60 -29.10
C PRO A 251 -12.02 -2.73 -28.40
N TYR A 252 -10.95 -2.94 -29.18
CA TYR A 252 -9.59 -3.06 -28.63
C TYR A 252 -9.31 -4.31 -27.77
N MET A 253 -10.28 -4.75 -26.99
CA MET A 253 -10.06 -5.75 -25.95
C MET A 253 -10.84 -7.05 -26.20
N LEU A 254 -10.15 -8.18 -26.03
CA LEU A 254 -10.83 -9.47 -25.90
C LEU A 254 -11.74 -9.49 -24.68
N PRO A 255 -12.80 -10.30 -24.73
CA PRO A 255 -13.57 -10.57 -23.51
C PRO A 255 -12.86 -11.60 -22.61
N ALA A 256 -12.95 -11.41 -21.30
CA ALA A 256 -12.20 -12.21 -20.34
C ALA A 256 -13.08 -13.06 -19.45
N ASN A 257 -14.25 -12.53 -19.07
CA ASN A 257 -15.08 -13.15 -18.05
C ASN A 257 -16.43 -12.47 -17.97
N THR A 258 -17.30 -13.00 -17.11
CA THR A 258 -18.60 -12.37 -16.92
C THR A 258 -18.62 -11.59 -15.63
N ALA A 259 -18.76 -10.27 -15.74
CA ALA A 259 -18.89 -9.42 -14.56
C ALA A 259 -20.36 -9.38 -14.15
N GLY A 260 -20.61 -9.57 -12.86
CA GLY A 260 -21.98 -9.55 -12.37
C GLY A 260 -22.01 -9.29 -10.88
N ILE A 261 -23.23 -9.24 -10.34
N ILE A 261 -23.23 -9.22 -10.34
CA ILE A 261 -23.44 -8.99 -8.93
CA ILE A 261 -23.42 -8.98 -8.91
C ILE A 261 -23.72 -10.28 -8.15
C ILE A 261 -23.71 -10.27 -8.16
N TYR A 262 -22.84 -10.65 -7.23
CA TYR A 262 -23.16 -11.69 -6.26
C TYR A 262 -23.97 -11.05 -5.15
N ILE A 263 -24.98 -11.77 -4.67
CA ILE A 263 -25.93 -11.23 -3.71
C ILE A 263 -25.92 -12.03 -2.39
N ASN A 264 -25.86 -11.33 -1.27
CA ASN A 264 -25.97 -11.97 0.03
C ASN A 264 -27.38 -12.48 0.28
N VAL A 265 -27.61 -13.78 0.10
CA VAL A 265 -28.96 -14.33 0.24
C VAL A 265 -29.41 -14.47 1.70
N ASN A 266 -28.52 -14.17 2.63
CA ASN A 266 -28.83 -14.19 4.07
C ASN A 266 -29.08 -12.80 4.64
N LYS A 267 -29.20 -11.82 3.77
CA LYS A 267 -29.53 -10.45 4.18
C LYS A 267 -30.91 -10.08 3.66
N TYR A 268 -31.88 -9.84 4.54
CA TYR A 268 -33.17 -9.33 4.09
C TYR A 268 -33.01 -7.91 3.53
N PRO A 269 -33.66 -7.60 2.40
CA PRO A 269 -34.58 -8.45 1.63
C PRO A 269 -33.94 -9.16 0.45
N LEU A 270 -32.61 -9.20 0.41
CA LEU A 270 -31.89 -9.89 -0.65
C LEU A 270 -32.12 -11.39 -0.61
N SER A 271 -32.63 -11.86 0.52
CA SER A 271 -33.05 -13.26 0.69
C SER A 271 -34.26 -13.67 -0.17
N ILE A 272 -35.00 -12.68 -0.67
CA ILE A 272 -36.20 -12.96 -1.45
C ILE A 272 -35.84 -13.11 -2.92
N PRO A 273 -36.03 -14.31 -3.48
CA PRO A 273 -35.69 -14.54 -4.89
C PRO A 273 -36.30 -13.49 -5.82
N GLU A 274 -37.57 -13.17 -5.62
CA GLU A 274 -38.21 -12.18 -6.48
C GLU A 274 -37.61 -10.78 -6.34
N PHE A 275 -37.09 -10.46 -5.16
CA PHE A 275 -36.41 -9.17 -4.97
C PHE A 275 -35.14 -9.13 -5.82
N ARG A 276 -34.47 -10.28 -5.93
CA ARG A 276 -33.25 -10.34 -6.73
C ARG A 276 -33.62 -10.22 -8.21
N ARG A 277 -34.74 -10.84 -8.61
CA ARG A 277 -35.24 -10.67 -9.98
C ARG A 277 -35.57 -9.19 -10.27
N ALA A 278 -36.17 -8.49 -9.31
CA ALA A 278 -36.47 -7.07 -9.52
C ALA A 278 -35.21 -6.26 -9.79
N MET A 279 -34.17 -6.52 -9.01
CA MET A 279 -32.90 -5.82 -9.22
C MET A 279 -32.35 -6.08 -10.61
N ALA A 280 -32.45 -7.31 -11.08
CA ALA A 280 -31.98 -7.64 -12.42
C ALA A 280 -32.69 -6.81 -13.49
N TYR A 281 -34.00 -6.64 -13.37
CA TYR A 281 -34.76 -5.86 -14.34
C TYR A 281 -34.41 -4.38 -14.25
N ALA A 282 -33.95 -3.97 -13.08
CA ALA A 282 -33.71 -2.55 -12.83
C ALA A 282 -32.41 -2.04 -13.49
N ILE A 283 -31.46 -2.94 -13.70
CA ILE A 283 -30.12 -2.52 -14.08
C ILE A 283 -29.96 -2.40 -15.61
N ASN A 284 -29.38 -1.29 -16.05
CA ASN A 284 -29.16 -1.01 -17.47
C ASN A 284 -27.70 -1.24 -17.84
N PRO A 285 -27.38 -2.44 -18.37
CA PRO A 285 -25.97 -2.75 -18.66
C PRO A 285 -25.40 -1.88 -19.77
N GLU A 286 -26.25 -1.38 -20.68
CA GLU A 286 -25.74 -0.55 -21.79
C GLU A 286 -25.12 0.75 -21.27
N LYS A 287 -25.69 1.29 -20.19
CA LYS A 287 -25.17 2.53 -19.62
C LYS A 287 -23.76 2.31 -19.08
N ILE A 288 -23.51 1.10 -18.58
CA ILE A 288 -22.17 0.72 -18.13
C ILE A 288 -21.24 0.57 -19.33
N VAL A 289 -21.70 -0.16 -20.34
CA VAL A 289 -20.95 -0.34 -21.58
C VAL A 289 -20.47 0.99 -22.16
N THR A 290 -21.36 2.00 -22.23
CA THR A 290 -20.98 3.29 -22.80
C THR A 290 -20.19 4.15 -21.80
N ARG A 291 -20.71 4.32 -20.59
CA ARG A 291 -20.13 5.30 -19.68
C ARG A 291 -18.82 4.82 -19.04
N ALA A 292 -18.77 3.57 -18.59
CA ALA A 292 -17.54 3.05 -17.98
C ALA A 292 -16.52 2.60 -19.04
N TYR A 293 -16.99 2.05 -20.15
CA TYR A 293 -16.08 1.32 -21.05
C TYR A 293 -15.96 1.88 -22.46
N GLU A 294 -16.75 2.92 -22.77
CA GLU A 294 -16.77 3.50 -24.11
C GLU A 294 -16.81 2.39 -25.15
N ASN A 295 -17.72 1.45 -24.93
CA ASN A 295 -17.98 0.32 -25.83
C ASN A 295 -16.83 -0.65 -26.09
N MET A 296 -15.90 -0.73 -25.14
CA MET A 296 -14.83 -1.74 -25.24
C MET A 296 -15.32 -3.11 -24.76
N VAL A 297 -16.50 -3.14 -24.14
CA VAL A 297 -17.10 -4.41 -23.71
C VAL A 297 -18.52 -4.53 -24.28
N THR A 298 -19.10 -5.73 -24.18
CA THR A 298 -20.52 -5.87 -24.53
C THR A 298 -21.34 -6.34 -23.32
N ALA A 299 -22.63 -6.00 -23.32
CA ALA A 299 -23.52 -6.46 -22.27
C ALA A 299 -23.67 -7.97 -22.33
N ALA A 300 -23.95 -8.58 -21.18
CA ALA A 300 -24.07 -10.03 -21.10
C ALA A 300 -25.47 -10.48 -21.42
N ASN A 301 -25.57 -11.66 -22.04
CA ASN A 301 -26.87 -12.31 -22.13
C ASN A 301 -27.25 -12.66 -20.67
N PRO A 302 -28.57 -12.84 -20.42
CA PRO A 302 -29.10 -13.02 -19.06
C PRO A 302 -28.48 -14.19 -18.31
N ALA A 303 -28.06 -15.21 -19.06
CA ALA A 303 -27.45 -16.38 -18.43
C ALA A 303 -25.98 -16.15 -18.11
N GLY A 304 -25.39 -15.08 -18.65
CA GLY A 304 -23.99 -14.75 -18.40
C GLY A 304 -23.01 -15.66 -19.10
N ILE A 305 -23.47 -16.34 -20.14
CA ILE A 305 -22.60 -17.26 -20.86
C ILE A 305 -21.72 -16.48 -21.82
N LEU A 306 -20.41 -16.68 -21.68
CA LEU A 306 -19.43 -15.97 -22.51
C LEU A 306 -19.73 -16.20 -23.99
N PRO A 307 -19.60 -15.13 -24.79
CA PRO A 307 -19.99 -15.07 -26.21
C PRO A 307 -18.96 -15.76 -27.08
N LEU A 308 -18.67 -17.01 -26.77
CA LEU A 308 -17.62 -17.80 -27.42
C LEU A 308 -18.11 -19.18 -27.86
N PRO A 309 -17.81 -19.56 -29.11
CA PRO A 309 -18.28 -20.81 -29.74
C PRO A 309 -18.27 -22.05 -28.82
N GLY A 310 -17.20 -22.27 -28.07
CA GLY A 310 -17.14 -23.39 -27.14
C GLY A 310 -18.21 -23.43 -26.07
N TYR A 311 -18.66 -22.25 -25.64
CA TYR A 311 -19.74 -22.14 -24.65
C TYR A 311 -21.08 -22.04 -25.34
N MET A 312 -21.16 -21.20 -26.36
CA MET A 312 -22.44 -20.83 -26.96
C MET A 312 -23.08 -21.97 -27.77
N LYS A 313 -22.35 -23.05 -28.00
CA LYS A 313 -22.99 -24.21 -28.65
C LYS A 313 -23.94 -24.89 -27.67
N TYR A 314 -23.85 -24.52 -26.40
CA TYR A 314 -24.76 -25.04 -25.39
C TYR A 314 -25.77 -24.01 -24.93
N TYR A 315 -25.83 -22.87 -25.64
CA TYR A 315 -26.71 -21.78 -25.20
C TYR A 315 -28.18 -22.19 -25.13
N PRO A 316 -28.80 -22.02 -23.94
CA PRO A 316 -30.19 -22.43 -23.70
C PRO A 316 -31.18 -21.36 -24.13
N LYS A 317 -31.37 -21.26 -25.44
CA LYS A 317 -32.13 -20.16 -26.02
C LYS A 317 -33.58 -20.18 -25.54
N GLU A 318 -34.17 -21.38 -25.49
CA GLU A 318 -35.58 -21.50 -25.11
C GLU A 318 -35.79 -21.12 -23.65
N VAL A 319 -34.86 -21.52 -22.78
CA VAL A 319 -34.89 -21.18 -21.35
C VAL A 319 -34.72 -19.68 -21.15
N VAL A 320 -33.81 -19.08 -21.89
CA VAL A 320 -33.60 -17.63 -21.77
C VAL A 320 -34.82 -16.86 -22.30
N ASP A 321 -35.38 -17.32 -23.41
CA ASP A 321 -36.56 -16.65 -23.95
C ASP A 321 -37.70 -16.69 -22.93
N LYS A 322 -37.77 -17.77 -22.16
CA LYS A 322 -38.88 -17.96 -21.24
C LYS A 322 -38.65 -17.33 -19.86
N TYR A 323 -37.43 -17.46 -19.31
CA TYR A 323 -37.14 -17.09 -17.92
C TYR A 323 -36.13 -15.94 -17.76
N GLY A 324 -35.61 -15.45 -18.88
CA GLY A 324 -34.60 -14.41 -18.83
C GLY A 324 -35.14 -13.06 -18.38
N PHE A 325 -34.24 -12.17 -18.02
CA PHE A 325 -34.61 -10.81 -17.66
C PHE A 325 -34.00 -9.88 -18.70
N LYS A 326 -34.38 -8.62 -18.63
CA LYS A 326 -33.74 -7.59 -19.44
C LYS A 326 -33.90 -6.27 -18.71
N TYR A 327 -33.30 -5.21 -19.22
CA TYR A 327 -33.49 -3.92 -18.57
C TYR A 327 -34.92 -3.41 -18.81
N ASP A 328 -35.67 -3.30 -17.72
CA ASP A 328 -37.07 -2.86 -17.79
C ASP A 328 -37.50 -2.43 -16.40
N PRO A 329 -37.37 -1.13 -16.10
CA PRO A 329 -37.68 -0.62 -14.76
C PRO A 329 -39.16 -0.82 -14.42
N GLU A 330 -40.03 -0.79 -15.42
CA GLU A 330 -41.45 -1.03 -15.20
C GLU A 330 -41.66 -2.41 -14.61
N MET A 331 -40.91 -3.38 -15.13
N MET A 331 -40.95 -3.40 -15.12
CA MET A 331 -40.97 -4.76 -14.66
CA MET A 331 -41.06 -4.74 -14.60
C MET A 331 -40.47 -4.88 -13.22
C MET A 331 -40.51 -4.83 -13.16
N ALA A 332 -39.38 -4.17 -12.92
CA ALA A 332 -38.79 -4.18 -11.58
C ALA A 332 -39.76 -3.60 -10.57
N LYS A 333 -40.38 -2.48 -10.94
CA LYS A 333 -41.29 -1.79 -10.04
C LYS A 333 -42.56 -2.60 -9.81
N LYS A 334 -42.99 -3.32 -10.85
CA LYS A 334 -44.15 -4.20 -10.74
C LYS A 334 -43.90 -5.26 -9.68
N ILE A 335 -42.73 -5.88 -9.75
CA ILE A 335 -42.36 -6.93 -8.81
C ILE A 335 -42.25 -6.38 -7.39
N LEU A 336 -41.62 -5.23 -7.24
CA LEU A 336 -41.46 -4.63 -5.92
C LEU A 336 -42.81 -4.30 -5.28
N ASP A 337 -43.73 -3.77 -6.07
CA ASP A 337 -45.07 -3.46 -5.57
C ASP A 337 -45.78 -4.74 -5.13
N GLU A 338 -45.63 -5.80 -5.93
CA GLU A 338 -46.25 -7.07 -5.58
C GLU A 338 -45.67 -7.63 -4.27
N LEU A 339 -44.37 -7.43 -4.06
CA LEU A 339 -43.73 -7.87 -2.82
C LEU A 339 -44.11 -7.01 -1.62
N GLY A 340 -44.75 -5.87 -1.87
CA GLY A 340 -45.15 -4.98 -0.80
C GLY A 340 -44.07 -3.99 -0.39
N PHE A 341 -43.06 -3.82 -1.24
CA PHE A 341 -42.02 -2.82 -1.02
C PHE A 341 -42.45 -1.49 -1.65
N LYS A 342 -43.03 -0.62 -0.84
CA LYS A 342 -43.58 0.62 -1.37
C LYS A 342 -43.03 1.82 -0.62
N ASP A 343 -42.86 2.93 -1.34
CA ASP A 343 -42.40 4.19 -0.76
C ASP A 343 -43.55 5.01 -0.17
N VAL A 344 -44.00 4.63 1.02
N VAL A 344 -44.01 4.60 1.01
CA VAL A 344 -45.19 5.26 1.61
CA VAL A 344 -45.16 5.22 1.63
C VAL A 344 -44.86 6.52 2.40
C VAL A 344 -44.82 6.64 2.09
N ASN A 345 -43.57 6.85 2.51
CA ASN A 345 -43.20 8.14 3.09
C ASN A 345 -42.71 9.15 2.05
N LYS A 346 -42.78 8.77 0.77
CA LYS A 346 -42.55 9.66 -0.37
C LYS A 346 -41.17 10.31 -0.40
N ASP A 347 -40.14 9.57 0.01
CA ASP A 347 -38.77 10.09 -0.05
C ASP A 347 -38.00 9.52 -1.24
N GLY A 348 -38.68 8.72 -2.07
CA GLY A 348 -38.07 8.15 -3.25
C GLY A 348 -37.52 6.76 -3.02
N PHE A 349 -37.46 6.35 -1.76
CA PHE A 349 -36.95 5.03 -1.39
C PHE A 349 -38.05 4.13 -0.84
N ARG A 350 -38.23 2.96 -1.44
CA ARG A 350 -39.22 2.02 -0.94
C ARG A 350 -38.86 1.54 0.46
N GLU A 351 -39.88 1.39 1.31
CA GLU A 351 -39.70 0.74 2.61
C GLU A 351 -40.11 -0.73 2.47
N ASP A 352 -39.76 -1.54 3.46
CA ASP A 352 -40.19 -2.94 3.45
C ASP A 352 -41.69 -3.02 3.76
N PRO A 353 -42.28 -4.23 3.69
CA PRO A 353 -43.72 -4.36 4.00
C PRO A 353 -44.16 -3.81 5.35
N ASN A 354 -43.31 -3.77 6.37
CA ASN A 354 -43.71 -3.22 7.66
C ASN A 354 -43.59 -1.69 7.75
N GLY A 355 -43.19 -1.07 6.65
CA GLY A 355 -43.01 0.38 6.61
C GLY A 355 -41.64 0.82 7.10
N LYS A 356 -40.72 -0.13 7.22
CA LYS A 356 -39.37 0.18 7.69
C LYS A 356 -38.44 0.49 6.52
N PRO A 357 -37.78 1.65 6.58
CA PRO A 357 -36.81 2.00 5.53
C PRO A 357 -35.61 1.05 5.58
N PHE A 358 -34.98 0.83 4.43
CA PHE A 358 -33.78 0.00 4.38
C PHE A 358 -32.87 0.56 3.30
N LYS A 359 -31.57 0.28 3.42
CA LYS A 359 -30.65 0.63 2.35
C LYS A 359 -29.55 -0.41 2.31
N LEU A 360 -28.93 -0.53 1.14
CA LEU A 360 -27.95 -1.58 0.88
C LEU A 360 -26.67 -0.95 0.32
N THR A 361 -25.59 -1.71 0.37
CA THR A 361 -24.35 -1.27 -0.25
C THR A 361 -24.02 -2.13 -1.48
N ILE A 362 -23.32 -1.55 -2.44
CA ILE A 362 -22.65 -2.35 -3.47
C ILE A 362 -21.18 -1.95 -3.46
N GLU A 363 -20.29 -2.91 -3.65
CA GLU A 363 -18.87 -2.59 -3.50
C GLU A 363 -17.99 -3.15 -4.59
N CYS A 364 -16.85 -2.48 -4.76
CA CYS A 364 -15.80 -2.92 -5.66
C CYS A 364 -14.47 -2.42 -5.08
N PRO A 365 -13.33 -2.88 -5.62
CA PRO A 365 -12.07 -2.34 -5.07
C PRO A 365 -11.84 -0.90 -5.45
N TYR A 366 -11.40 -0.11 -4.47
CA TYR A 366 -10.90 1.21 -4.76
C TYR A 366 -9.74 1.18 -5.75
N GLY A 367 -9.69 2.15 -6.64
CA GLY A 367 -8.63 2.16 -7.62
C GLY A 367 -8.96 1.41 -8.89
N TRP A 368 -9.97 0.52 -8.82
CA TRP A 368 -10.43 -0.14 -10.04
C TRP A 368 -11.43 0.79 -10.70
N THR A 369 -10.90 1.76 -11.42
CA THR A 369 -11.67 2.93 -11.80
C THR A 369 -12.91 2.63 -12.64
N ASP A 370 -12.82 1.67 -13.55
CA ASP A 370 -13.97 1.28 -14.37
C ASP A 370 -15.07 0.68 -13.53
N TRP A 371 -14.69 -0.05 -12.49
CA TRP A 371 -15.68 -0.71 -11.66
C TRP A 371 -16.32 0.29 -10.70
N MET A 372 -15.56 1.31 -10.30
CA MET A 372 -16.14 2.37 -9.49
C MET A 372 -17.27 3.06 -10.25
N VAL A 373 -16.99 3.43 -11.50
CA VAL A 373 -18.00 4.03 -12.35
C VAL A 373 -19.16 3.07 -12.55
N SER A 374 -18.85 1.80 -12.80
CA SER A 374 -19.88 0.78 -12.99
C SER A 374 -20.82 0.60 -11.80
N ILE A 375 -20.29 0.53 -10.58
CA ILE A 375 -21.20 0.34 -9.45
C ILE A 375 -21.95 1.64 -9.11
N GLN A 376 -21.39 2.80 -9.45
CA GLN A 376 -22.18 4.02 -9.38
C GLN A 376 -23.42 3.91 -10.29
N SER A 377 -23.20 3.43 -11.51
CA SER A 377 -24.28 3.31 -12.48
C SER A 377 -25.33 2.30 -12.01
N ILE A 378 -24.86 1.17 -11.49
CA ILE A 378 -25.74 0.14 -10.95
C ILE A 378 -26.56 0.69 -9.79
N ALA A 379 -25.89 1.36 -8.87
CA ALA A 379 -26.59 1.96 -7.72
C ALA A 379 -27.65 2.95 -8.18
N GLU A 380 -27.31 3.77 -9.15
CA GLU A 380 -28.25 4.78 -9.62
C GLU A 380 -29.47 4.12 -10.28
N ASP A 381 -29.25 3.02 -10.98
CA ASP A 381 -30.36 2.29 -11.59
C ASP A 381 -31.30 1.76 -10.51
N LEU A 382 -30.71 1.25 -9.44
CA LEU A 382 -31.48 0.67 -8.35
C LEU A 382 -32.23 1.77 -7.62
N VAL A 383 -31.59 2.93 -7.47
CA VAL A 383 -32.28 4.07 -6.89
C VAL A 383 -33.47 4.48 -7.76
N LYS A 384 -33.34 4.36 -9.08
CA LYS A 384 -34.47 4.74 -9.96
C LYS A 384 -35.72 3.88 -9.74
N VAL A 385 -35.58 2.67 -9.21
CA VAL A 385 -36.76 1.88 -8.89
C VAL A 385 -37.03 1.85 -7.37
N GLY A 386 -36.47 2.81 -6.64
CA GLY A 386 -36.76 2.95 -5.22
C GLY A 386 -35.98 2.08 -4.25
N ILE A 387 -34.90 1.47 -4.72
CA ILE A 387 -34.06 0.67 -3.83
C ILE A 387 -32.87 1.52 -3.43
N ASN A 388 -32.80 1.90 -2.17
CA ASN A 388 -31.69 2.71 -1.70
C ASN A 388 -30.36 1.95 -1.67
N VAL A 389 -29.51 2.19 -2.65
CA VAL A 389 -28.21 1.50 -2.75
C VAL A 389 -27.10 2.51 -2.85
N GLU A 390 -26.07 2.36 -2.03
CA GLU A 390 -24.92 3.26 -2.05
C GLU A 390 -23.69 2.47 -2.45
N PRO A 391 -22.86 3.05 -3.33
CA PRO A 391 -21.61 2.40 -3.71
C PRO A 391 -20.52 2.60 -2.66
N LYS A 392 -19.70 1.58 -2.42
CA LYS A 392 -18.61 1.66 -1.44
C LYS A 392 -17.34 1.12 -2.09
N TYR A 393 -16.18 1.63 -1.70
CA TYR A 393 -14.91 1.28 -2.36
C TYR A 393 -13.82 0.87 -1.38
N PRO A 394 -13.99 -0.29 -0.74
CA PRO A 394 -12.94 -0.84 0.14
C PRO A 394 -11.65 -1.02 -0.64
N ASP A 395 -10.49 -0.98 0.02
CA ASP A 395 -9.27 -1.33 -0.71
C ASP A 395 -9.37 -2.80 -1.14
N TYR A 396 -8.51 -3.20 -2.07
CA TYR A 396 -8.61 -4.53 -2.65
C TYR A 396 -8.65 -5.61 -1.58
N SER A 397 -7.77 -5.52 -0.57
CA SER A 397 -7.72 -6.57 0.44
C SER A 397 -9.05 -6.70 1.22
N LYS A 398 -9.63 -5.57 1.63
N LYS A 398 -9.62 -5.56 1.62
CA LYS A 398 -10.91 -5.63 2.32
CA LYS A 398 -10.91 -5.58 2.31
C LYS A 398 -12.00 -6.14 1.37
C LYS A 398 -12.00 -6.10 1.38
N TYR A 399 -11.98 -5.68 0.12
CA TYR A 399 -12.94 -6.17 -0.88
C TYR A 399 -12.85 -7.69 -1.01
N ALA A 400 -11.63 -8.22 -1.05
CA ALA A 400 -11.45 -9.66 -1.25
C ALA A 400 -11.92 -10.43 -0.04
N ASP A 401 -11.61 -9.92 1.15
CA ASP A 401 -12.09 -10.58 2.34
C ASP A 401 -13.62 -10.52 2.44
N ASP A 402 -14.21 -9.39 2.05
CA ASP A 402 -15.67 -9.27 1.98
C ASP A 402 -16.23 -10.34 1.02
N LEU A 403 -15.64 -10.39 -0.16
CA LEU A 403 -16.04 -11.36 -1.17
C LEU A 403 -15.92 -12.80 -0.69
N TYR A 404 -14.73 -13.23 -0.27
CA TYR A 404 -14.51 -14.63 0.07
C TYR A 404 -15.33 -15.04 1.29
N GLY A 405 -15.46 -14.13 2.25
CA GLY A 405 -16.17 -14.42 3.50
C GLY A 405 -17.68 -14.19 3.43
N GLY A 406 -18.14 -13.68 2.29
CA GLY A 406 -19.56 -13.42 2.10
C GLY A 406 -20.05 -12.26 2.97
N LYS A 407 -19.19 -11.28 3.23
CA LYS A 407 -19.58 -10.16 4.06
C LYS A 407 -19.85 -8.95 3.19
N PHE A 408 -21.04 -8.92 2.61
CA PHE A 408 -21.43 -7.85 1.70
C PHE A 408 -22.94 -7.86 1.52
N ASP A 409 -23.49 -6.81 0.94
CA ASP A 409 -24.87 -6.85 0.46
C ASP A 409 -24.86 -7.26 -1.01
N LEU A 410 -24.40 -6.34 -1.85
CA LEU A 410 -24.17 -6.60 -3.26
C LEU A 410 -22.69 -6.46 -3.55
N ILE A 411 -22.12 -7.32 -4.38
CA ILE A 411 -20.71 -7.16 -4.70
C ILE A 411 -20.50 -7.44 -6.18
N LEU A 412 -19.81 -6.52 -6.86
CA LEU A 412 -19.44 -6.70 -8.26
C LEU A 412 -18.22 -7.60 -8.32
N ASN A 413 -18.29 -8.72 -9.06
CA ASN A 413 -17.14 -9.63 -9.15
C ASN A 413 -17.10 -10.37 -10.49
N ASN A 414 -15.93 -10.90 -10.82
CA ASN A 414 -15.73 -11.70 -12.03
C ASN A 414 -14.62 -12.76 -11.89
N PHE A 415 -14.29 -13.17 -10.67
CA PHE A 415 -13.10 -14.00 -10.43
C PHE A 415 -13.23 -15.43 -10.97
N THR A 416 -14.45 -15.96 -10.94
CA THR A 416 -14.67 -17.37 -11.22
C THR A 416 -15.42 -17.63 -12.53
N THR A 417 -15.70 -16.56 -13.27
CA THR A 417 -16.50 -16.66 -14.50
C THR A 417 -15.65 -16.47 -15.77
N GLY A 418 -14.36 -16.77 -15.66
CA GLY A 418 -13.43 -16.55 -16.74
C GLY A 418 -13.41 -17.61 -17.83
N VAL A 419 -12.81 -17.22 -18.95
CA VAL A 419 -12.56 -18.12 -20.05
C VAL A 419 -11.95 -19.44 -19.55
N SER A 420 -12.43 -20.58 -20.03
CA SER A 420 -11.92 -21.87 -19.55
C SER A 420 -12.13 -22.96 -20.58
N ALA A 421 -11.72 -24.18 -20.22
CA ALA A 421 -11.89 -25.30 -21.12
C ALA A 421 -13.28 -25.93 -21.01
N THR A 422 -14.13 -25.41 -20.15
CA THR A 422 -15.45 -26.02 -19.96
C THR A 422 -16.46 -25.09 -19.35
N ILE A 423 -17.68 -25.12 -19.89
CA ILE A 423 -18.74 -24.28 -19.36
C ILE A 423 -19.09 -24.70 -17.94
N TRP A 424 -18.73 -25.92 -17.54
CA TRP A 424 -18.87 -26.32 -16.14
C TRP A 424 -18.20 -25.33 -15.18
N SER A 425 -17.05 -24.78 -15.55
CA SER A 425 -16.38 -23.87 -14.64
C SER A 425 -17.19 -22.60 -14.40
N TYR A 426 -17.99 -22.18 -15.39
CA TYR A 426 -18.86 -21.02 -15.20
C TYR A 426 -19.95 -21.31 -14.16
N PHE A 427 -20.66 -22.41 -14.36
CA PHE A 427 -21.77 -22.72 -13.47
C PHE A 427 -21.24 -23.09 -12.09
N ASN A 428 -20.05 -23.69 -12.02
CA ASN A 428 -19.42 -23.89 -10.71
C ASN A 428 -19.02 -22.56 -10.06
N GLY A 429 -18.52 -21.62 -10.86
CA GLY A 429 -18.17 -20.29 -10.40
C GLY A 429 -19.35 -19.52 -9.80
N VAL A 430 -20.52 -19.74 -10.39
CA VAL A 430 -21.74 -19.17 -9.85
C VAL A 430 -22.26 -19.91 -8.62
N PHE A 431 -22.38 -21.23 -8.73
CA PHE A 431 -23.13 -22.04 -7.76
C PHE A 431 -22.34 -22.79 -6.69
N TYR A 432 -21.01 -22.87 -6.85
CA TYR A 432 -20.09 -23.58 -5.96
C TYR A 432 -20.70 -23.97 -4.60
N PRO A 433 -21.24 -25.19 -4.52
CA PRO A 433 -22.03 -25.59 -3.35
C PRO A 433 -21.30 -25.50 -2.02
N ASP A 434 -20.00 -25.78 -2.01
CA ASP A 434 -19.28 -25.83 -0.75
C ASP A 434 -19.13 -24.46 -0.08
N ALA A 435 -19.45 -23.38 -0.80
CA ALA A 435 -19.46 -22.06 -0.19
C ALA A 435 -20.46 -21.93 0.97
N VAL A 436 -21.52 -22.73 0.94
CA VAL A 436 -22.61 -22.48 1.88
C VAL A 436 -22.19 -22.74 3.33
N GLU A 437 -21.48 -23.83 3.57
CA GLU A 437 -21.16 -24.17 4.96
C GLU A 437 -19.70 -23.91 5.32
N SER A 438 -18.93 -23.42 4.35
CA SER A 438 -17.55 -23.01 4.61
C SER A 438 -17.51 -21.51 4.96
N GLU A 439 -16.69 -21.11 5.92
CA GLU A 439 -16.58 -19.68 6.22
C GLU A 439 -16.14 -18.86 5.00
N TYR A 440 -14.99 -19.24 4.44
CA TYR A 440 -14.48 -18.61 3.24
C TYR A 440 -14.66 -19.50 2.01
N SER A 441 -15.03 -18.86 0.89
CA SER A 441 -15.05 -19.52 -0.41
C SER A 441 -14.13 -18.77 -1.35
N TYR A 442 -13.27 -19.51 -2.04
CA TYR A 442 -12.39 -18.93 -3.05
C TYR A 442 -12.80 -19.36 -4.45
N SER A 443 -13.84 -20.19 -4.55
CA SER A 443 -14.18 -20.80 -5.84
C SER A 443 -15.51 -20.37 -6.42
N GLY A 444 -16.22 -19.52 -5.71
CA GLY A 444 -17.47 -18.98 -6.22
C GLY A 444 -18.62 -19.02 -5.24
N ASN A 445 -19.82 -18.72 -5.73
CA ASN A 445 -21.02 -18.70 -4.88
C ASN A 445 -20.77 -17.89 -3.62
N PHE A 446 -20.20 -16.70 -3.80
CA PHE A 446 -19.68 -15.95 -2.66
C PHE A 446 -20.78 -15.47 -1.71
N GLY A 447 -22.02 -15.39 -2.21
CA GLY A 447 -23.16 -15.02 -1.39
C GLY A 447 -23.83 -16.19 -0.69
N LYS A 448 -23.27 -17.39 -0.87
CA LYS A 448 -23.68 -18.62 -0.18
C LYS A 448 -25.13 -19.03 -0.45
N TYR A 449 -25.49 -19.03 -1.73
CA TYR A 449 -26.77 -19.54 -2.17
C TYR A 449 -26.81 -21.07 -2.06
N ALA A 450 -27.87 -21.59 -1.46
CA ALA A 450 -28.00 -23.03 -1.31
C ALA A 450 -29.15 -23.57 -2.17
N ASN A 451 -28.89 -24.69 -2.84
CA ASN A 451 -29.89 -25.34 -3.67
C ASN A 451 -29.47 -26.79 -3.98
N PRO A 452 -30.07 -27.75 -3.29
CA PRO A 452 -29.71 -29.17 -3.45
C PRO A 452 -29.88 -29.66 -4.89
N GLU A 453 -30.87 -29.13 -5.60
CA GLU A 453 -31.07 -29.53 -7.00
C GLU A 453 -29.89 -29.12 -7.86
N VAL A 454 -29.31 -27.97 -7.53
CA VAL A 454 -28.22 -27.44 -8.32
C VAL A 454 -26.97 -28.31 -8.24
N GLU A 455 -26.68 -28.84 -7.07
N GLU A 455 -26.69 -28.83 -7.05
CA GLU A 455 -25.49 -29.66 -6.89
CA GLU A 455 -25.53 -29.70 -6.86
C GLU A 455 -25.58 -30.97 -7.70
C GLU A 455 -25.61 -30.91 -7.76
N THR A 456 -26.78 -31.55 -7.80
CA THR A 456 -26.94 -32.74 -8.64
C THR A 456 -26.74 -32.41 -10.12
N LEU A 457 -27.16 -31.22 -10.54
CA LEU A 457 -27.03 -30.85 -11.96
C LEU A 457 -25.59 -30.54 -12.31
N LEU A 458 -24.89 -29.87 -11.40
CA LEU A 458 -23.45 -29.62 -11.58
C LEU A 458 -22.69 -30.94 -11.75
N ASP A 459 -23.03 -31.94 -10.94
CA ASP A 459 -22.38 -33.24 -11.03
C ASP A 459 -22.71 -33.91 -12.37
N GLU A 460 -23.96 -33.80 -12.78
CA GLU A 460 -24.39 -34.36 -14.07
C GLU A 460 -23.61 -33.77 -15.23
N LEU A 461 -23.47 -32.45 -15.23
CA LEU A 461 -22.72 -31.74 -16.25
C LEU A 461 -21.27 -32.20 -16.18
N ASN A 462 -20.72 -32.21 -14.98
CA ASN A 462 -19.34 -32.62 -14.74
C ASN A 462 -19.03 -34.02 -15.33
N ARG A 463 -19.94 -34.97 -15.11
CA ARG A 463 -19.75 -36.37 -15.50
C ARG A 463 -20.04 -36.67 -16.97
N SER A 464 -20.52 -35.67 -17.71
CA SER A 464 -20.88 -35.90 -19.10
C SER A 464 -19.74 -35.57 -20.08
N ASN A 465 -19.71 -36.33 -21.18
N ASN A 465 -19.68 -36.29 -21.19
CA ASN A 465 -18.77 -36.11 -22.26
CA ASN A 465 -18.77 -35.89 -22.27
C ASN A 465 -19.52 -36.18 -23.58
C ASN A 465 -19.52 -35.86 -23.59
N ASP A 466 -20.84 -36.00 -23.50
CA ASP A 466 -21.71 -36.00 -24.68
C ASP A 466 -22.42 -34.64 -24.83
N ASP A 467 -22.21 -33.99 -25.98
CA ASP A 467 -22.76 -32.66 -26.27
C ASP A 467 -24.27 -32.50 -26.07
N ALA A 468 -25.04 -33.52 -26.40
CA ALA A 468 -26.48 -33.44 -26.24
C ALA A 468 -26.87 -33.40 -24.76
N LYS A 469 -26.19 -34.22 -23.96
CA LYS A 469 -26.45 -34.26 -22.53
C LYS A 469 -25.99 -32.96 -21.87
N ILE A 470 -24.84 -32.45 -22.29
CA ILE A 470 -24.30 -31.21 -21.79
C ILE A 470 -25.25 -30.05 -22.08
N LYS A 471 -25.76 -29.98 -23.30
CA LYS A 471 -26.72 -28.95 -23.63
C LYS A 471 -27.95 -29.04 -22.72
N GLU A 472 -28.39 -30.28 -22.46
CA GLU A 472 -29.56 -30.52 -21.62
C GLU A 472 -29.34 -29.97 -20.21
N VAL A 473 -28.19 -30.27 -19.61
CA VAL A 473 -27.96 -29.90 -18.23
C VAL A 473 -27.72 -28.40 -18.10
N VAL A 474 -27.07 -27.82 -19.10
CA VAL A 474 -26.82 -26.37 -19.12
C VAL A 474 -28.15 -25.60 -19.08
N ALA A 475 -29.15 -26.12 -19.76
CA ALA A 475 -30.46 -25.48 -19.78
C ALA A 475 -31.12 -25.54 -18.41
N LYS A 476 -31.01 -26.68 -17.74
CA LYS A 476 -31.59 -26.82 -16.40
C LYS A 476 -30.88 -25.92 -15.38
N LEU A 477 -29.56 -25.84 -15.50
CA LEU A 477 -28.80 -24.98 -14.60
C LEU A 477 -29.14 -23.51 -14.87
N SER A 478 -29.32 -23.17 -16.14
CA SER A 478 -29.59 -21.78 -16.49
C SER A 478 -30.99 -21.36 -16.01
N GLU A 479 -31.93 -22.29 -16.05
CA GLU A 479 -33.29 -22.01 -15.59
C GLU A 479 -33.29 -21.61 -14.11
N ILE A 480 -32.57 -22.38 -13.29
CA ILE A 480 -32.44 -22.07 -11.86
C ILE A 480 -31.68 -20.76 -11.65
N LEU A 481 -30.64 -20.54 -12.43
CA LEU A 481 -29.93 -19.26 -12.36
C LEU A 481 -30.89 -18.09 -12.60
N LEU A 482 -31.71 -18.19 -13.64
CA LEU A 482 -32.60 -17.09 -14.01
C LEU A 482 -33.77 -16.91 -13.04
N LYS A 483 -34.16 -17.99 -12.38
CA LYS A 483 -35.26 -17.92 -11.42
C LYS A 483 -34.83 -17.34 -10.07
N ASP A 484 -33.68 -17.78 -9.56
CA ASP A 484 -33.26 -17.47 -8.21
C ASP A 484 -32.19 -16.39 -8.15
N LEU A 485 -31.58 -16.10 -9.29
CA LEU A 485 -30.53 -15.07 -9.42
C LEU A 485 -29.62 -14.85 -8.20
N PRO A 486 -28.83 -15.87 -7.81
CA PRO A 486 -27.81 -15.63 -6.77
C PRO A 486 -26.70 -14.74 -7.31
N PHE A 487 -26.60 -14.67 -8.63
CA PHE A 487 -25.60 -13.90 -9.36
C PHE A 487 -26.30 -13.24 -10.52
N ILE A 488 -26.19 -11.92 -10.67
CA ILE A 488 -26.81 -11.24 -11.81
C ILE A 488 -25.74 -10.88 -12.85
N PRO A 489 -25.71 -11.61 -13.99
CA PRO A 489 -24.74 -11.32 -15.04
C PRO A 489 -25.04 -10.00 -15.74
N LEU A 490 -24.05 -9.13 -15.92
CA LEU A 490 -24.31 -7.81 -16.49
C LEU A 490 -23.49 -7.50 -17.76
N TRP A 491 -22.19 -7.76 -17.76
CA TRP A 491 -21.39 -7.56 -18.98
C TRP A 491 -20.19 -8.49 -19.00
N TYR A 492 -19.53 -8.59 -20.15
CA TYR A 492 -18.29 -9.34 -20.23
C TYR A 492 -17.12 -8.38 -20.02
N ASN A 493 -16.46 -8.51 -18.87
CA ASN A 493 -15.34 -7.62 -18.55
C ASN A 493 -14.22 -7.91 -19.54
N GLY A 494 -13.39 -6.91 -19.82
CA GLY A 494 -12.34 -7.08 -20.80
C GLY A 494 -11.13 -7.86 -20.31
N ALA A 495 -10.44 -8.51 -21.24
CA ALA A 495 -9.08 -9.01 -20.98
C ALA A 495 -8.17 -7.83 -21.21
N TRP A 496 -8.05 -6.96 -20.21
CA TRP A 496 -7.32 -5.69 -20.40
C TRP A 496 -5.90 -5.96 -20.78
N PHE A 497 -5.53 -5.43 -21.94
CA PHE A 497 -4.17 -5.54 -22.42
C PHE A 497 -3.84 -4.31 -23.26
N GLN A 498 -2.83 -3.56 -22.83
CA GLN A 498 -2.20 -2.55 -23.68
C GLN A 498 -0.70 -2.68 -23.47
N ALA A 499 0.09 -2.42 -24.51
CA ALA A 499 1.53 -2.46 -24.32
C ALA A 499 2.24 -1.27 -24.95
N SER A 500 3.34 -0.88 -24.31
CA SER A 500 4.26 0.09 -24.88
C SER A 500 5.28 -0.65 -25.71
N GLU A 501 5.70 -0.03 -26.81
CA GLU A 501 6.77 -0.56 -27.63
C GLU A 501 8.07 0.21 -27.45
N ALA A 502 8.19 0.98 -26.37
CA ALA A 502 9.42 1.72 -26.10
C ALA A 502 10.61 0.78 -26.01
N VAL A 503 10.37 -0.41 -25.46
CA VAL A 503 11.47 -1.36 -25.26
C VAL A 503 11.20 -2.72 -25.88
N TRP A 504 10.00 -3.24 -25.67
CA TRP A 504 9.62 -4.55 -26.18
C TRP A 504 8.62 -4.43 -27.32
N THR A 505 8.81 -5.24 -28.36
N THR A 505 8.82 -5.27 -28.36
CA THR A 505 7.91 -5.23 -29.51
CA THR A 505 7.96 -5.25 -29.53
C THR A 505 7.46 -6.65 -29.84
C THR A 505 7.48 -6.66 -29.85
N ASN A 506 6.77 -6.81 -30.96
CA ASN A 506 6.22 -8.11 -31.39
C ASN A 506 5.24 -8.69 -30.36
N TRP A 507 4.39 -7.84 -29.78
CA TRP A 507 3.35 -8.30 -28.88
C TRP A 507 2.32 -9.08 -29.68
N PRO A 508 1.65 -10.06 -29.03
CA PRO A 508 0.63 -10.80 -29.77
C PRO A 508 -0.56 -9.89 -30.06
N THR A 509 -1.24 -10.14 -31.17
CA THR A 509 -2.40 -9.35 -31.58
C THR A 509 -3.42 -10.25 -32.27
N GLU A 510 -4.57 -9.69 -32.62
CA GLU A 510 -5.56 -10.42 -33.41
C GLU A 510 -4.92 -10.99 -34.68
N LYS A 511 -4.10 -10.17 -35.34
CA LYS A 511 -3.43 -10.57 -36.57
C LYS A 511 -2.34 -11.60 -36.34
N ASN A 512 -1.75 -11.60 -35.14
CA ASN A 512 -0.72 -12.57 -34.80
C ASN A 512 -0.98 -13.15 -33.41
N PRO A 513 -1.98 -14.04 -33.31
CA PRO A 513 -2.47 -14.42 -32.00
C PRO A 513 -1.67 -15.52 -31.35
N TYR A 514 -0.38 -15.31 -31.12
CA TYR A 514 0.46 -16.41 -30.65
C TYR A 514 0.34 -16.68 -29.16
N ALA A 515 -0.30 -15.77 -28.44
CA ALA A 515 -0.53 -15.93 -27.00
C ALA A 515 -1.64 -15.00 -26.56
N VAL A 516 -2.30 -15.32 -25.46
CA VAL A 516 -3.24 -14.40 -24.83
C VAL A 516 -2.45 -13.59 -23.78
N PRO A 517 -2.25 -12.29 -24.04
CA PRO A 517 -1.25 -11.54 -23.25
C PRO A 517 -1.79 -11.06 -21.92
N ILE A 518 -2.16 -12.01 -21.07
CA ILE A 518 -2.79 -11.71 -19.78
C ILE A 518 -2.04 -12.45 -18.69
N GLY A 519 -1.57 -11.72 -17.69
CA GLY A 519 -0.83 -12.35 -16.60
C GLY A 519 -1.54 -12.38 -15.27
N TRP A 520 -2.82 -12.04 -15.24
CA TRP A 520 -3.61 -12.24 -14.02
C TRP A 520 -3.45 -13.68 -13.58
N ASN A 521 -3.50 -13.95 -12.27
CA ASN A 521 -3.56 -15.33 -11.84
C ASN A 521 -4.66 -16.10 -12.56
N GLY A 522 -4.32 -17.31 -13.03
CA GLY A 522 -5.26 -18.14 -13.77
C GLY A 522 -5.02 -18.09 -15.27
N TRP A 523 -4.31 -17.06 -15.72
CA TRP A 523 -4.20 -16.82 -17.16
C TRP A 523 -2.84 -17.22 -17.75
N TRP A 524 -1.82 -17.41 -16.92
CA TRP A 524 -0.54 -17.84 -17.44
C TRP A 524 -0.70 -19.18 -18.14
N GLN A 525 -1.55 -20.04 -17.57
CA GLN A 525 -1.84 -21.37 -18.13
C GLN A 525 -2.87 -21.35 -19.25
N LEU A 526 -3.44 -20.17 -19.49
CA LEU A 526 -4.32 -19.94 -20.63
C LEU A 526 -3.51 -19.33 -21.80
N THR A 527 -2.20 -19.59 -21.76
CA THR A 527 -1.13 -19.19 -22.72
C THR A 527 -0.55 -17.78 -22.51
N GLY A 528 -0.84 -17.17 -21.37
CA GLY A 528 -0.20 -15.92 -21.02
C GLY A 528 1.32 -16.08 -21.00
N ILE A 529 1.77 -17.27 -20.58
CA ILE A 529 3.18 -17.57 -20.48
C ILE A 529 3.87 -17.44 -21.83
N LYS A 530 3.15 -17.74 -22.91
CA LYS A 530 3.77 -17.79 -24.22
C LYS A 530 4.07 -16.37 -24.74
N THR A 531 3.48 -15.37 -24.10
CA THR A 531 3.81 -13.98 -24.40
C THR A 531 5.31 -13.74 -24.26
N LEU A 532 5.92 -14.36 -23.25
CA LEU A 532 7.31 -14.11 -22.92
C LEU A 532 8.29 -14.65 -23.94
N PHE A 533 7.85 -15.60 -24.75
CA PHE A 533 8.75 -16.20 -25.73
C PHE A 533 8.70 -15.47 -27.07
N GLY A 534 7.63 -14.71 -27.27
CA GLY A 534 7.42 -14.03 -28.55
C GLY A 534 7.88 -12.58 -28.58
N ILE A 535 7.83 -11.88 -27.45
CA ILE A 535 8.25 -10.48 -27.48
C ILE A 535 9.73 -10.37 -27.77
N GLU A 536 10.13 -9.24 -28.34
CA GLU A 536 11.52 -9.04 -28.77
C GLU A 536 12.03 -7.71 -28.25
N ALA A 537 13.26 -7.69 -27.75
CA ALA A 537 13.85 -6.45 -27.28
C ALA A 537 14.14 -5.61 -28.50
N LYS A 538 13.53 -4.43 -28.55
CA LYS A 538 13.61 -3.56 -29.71
C LYS A 538 15.06 -3.28 -30.11
N HIS A 539 15.90 -2.97 -29.13
CA HIS A 539 17.29 -2.61 -29.41
C HIS A 539 18.24 -3.78 -29.18
N THR B 2 -16.57 17.08 -9.65
CA THR B 2 -15.14 17.00 -9.36
C THR B 2 -14.61 18.34 -8.82
N PHE B 3 -13.31 18.38 -8.52
CA PHE B 3 -12.73 19.55 -7.87
C PHE B 3 -12.28 20.58 -8.90
N GLU B 4 -12.69 21.84 -8.72
CA GLU B 4 -12.25 22.89 -9.65
C GLU B 4 -10.74 23.09 -9.51
N ARG B 5 -10.04 23.06 -10.63
CA ARG B 5 -8.58 22.92 -10.59
C ARG B 5 -7.90 24.11 -9.93
N ASN B 6 -8.44 25.29 -10.18
CA ASN B 6 -7.76 26.51 -9.71
C ASN B 6 -8.10 26.88 -8.28
N LYS B 7 -8.89 26.05 -7.61
CA LYS B 7 -9.18 26.26 -6.21
C LYS B 7 -8.71 25.07 -5.39
N THR B 8 -8.00 24.16 -6.03
CA THR B 8 -7.60 22.92 -5.40
C THR B 8 -6.07 22.79 -5.40
N LEU B 9 -5.53 22.54 -4.23
CA LEU B 9 -4.09 22.40 -4.08
C LEU B 9 -3.72 20.93 -3.86
N TYR B 10 -2.98 20.35 -4.80
CA TYR B 10 -2.53 18.95 -4.70
C TYR B 10 -1.15 18.91 -4.08
N TRP B 11 -1.04 18.22 -2.96
CA TRP B 11 0.15 18.26 -2.10
C TRP B 11 0.53 16.83 -1.72
N GLY B 12 1.81 16.52 -1.74
CA GLY B 12 2.26 15.22 -1.29
C GLY B 12 3.64 15.30 -0.66
N GLY B 13 4.03 14.23 0.03
CA GLY B 13 5.37 14.10 0.60
C GLY B 13 5.35 13.59 2.04
N ALA B 14 4.16 13.61 2.65
CA ALA B 14 4.03 13.33 4.08
C ALA B 14 3.10 12.16 4.38
N LEU B 15 2.51 11.57 3.35
CA LEU B 15 1.50 10.54 3.58
C LEU B 15 1.98 9.20 3.05
N TRP B 16 2.44 8.34 3.97
CA TRP B 16 3.10 7.10 3.59
C TRP B 16 2.42 5.86 4.15
N SER B 17 1.15 6.01 4.50
CA SER B 17 0.30 4.89 4.87
C SER B 17 -1.13 5.31 4.54
N PRO B 18 -2.05 4.34 4.36
CA PRO B 18 -3.41 4.76 4.03
C PRO B 18 -3.97 5.65 5.13
N PRO B 19 -4.66 6.75 4.78
CA PRO B 19 -5.22 7.64 5.80
C PRO B 19 -6.28 6.92 6.65
N SER B 20 -6.09 6.82 7.96
CA SER B 20 -7.08 6.15 8.80
C SER B 20 -7.16 6.73 10.21
N ASN B 21 -6.31 7.70 10.50
CA ASN B 21 -6.18 8.21 11.86
C ASN B 21 -5.96 9.72 11.83
N TRP B 22 -6.71 10.45 12.64
CA TRP B 22 -6.59 11.90 12.74
C TRP B 22 -6.58 12.28 14.21
N ASN B 23 -5.94 11.44 15.01
CA ASN B 23 -5.92 11.64 16.46
C ASN B 23 -4.77 12.55 16.90
N PRO B 24 -5.08 13.74 17.47
CA PRO B 24 -4.01 14.70 17.76
C PRO B 24 -3.09 14.24 18.90
N PHE B 25 -3.53 13.24 19.65
CA PHE B 25 -2.72 12.71 20.74
C PHE B 25 -1.67 11.73 20.25
N THR B 26 -1.82 11.27 19.00
CA THR B 26 -0.89 10.34 18.41
C THR B 26 -0.42 10.82 17.02
N PRO B 27 0.31 11.94 16.97
CA PRO B 27 0.70 12.52 15.67
C PRO B 27 1.58 11.58 14.83
N TRP B 28 2.22 10.59 15.44
CA TRP B 28 3.01 9.61 14.68
C TRP B 28 2.16 8.74 13.76
N ASN B 29 0.89 8.58 14.10
CA ASN B 29 -0.03 7.80 13.26
C ASN B 29 -1.03 8.66 12.50
N ALA B 30 -1.20 9.91 12.92
CA ALA B 30 -2.20 10.77 12.30
C ALA B 30 -1.76 11.23 10.92
N VAL B 31 -2.73 11.39 10.03
CA VAL B 31 -2.48 11.97 8.71
C VAL B 31 -1.79 13.33 8.87
N ALA B 32 -0.68 13.54 8.17
CA ALA B 32 0.00 14.82 8.23
C ALA B 32 -0.94 15.97 7.91
N GLY B 33 -0.90 17.00 8.74
CA GLY B 33 -1.84 18.09 8.60
C GLY B 33 -2.85 18.07 9.72
N THR B 34 -3.04 16.91 10.33
CA THR B 34 -3.92 16.81 11.51
C THR B 34 -3.48 17.87 12.52
N ILE B 35 -2.17 18.00 12.71
CA ILE B 35 -1.63 19.12 13.46
C ILE B 35 -1.25 20.22 12.47
N GLY B 36 -2.00 21.31 12.49
CA GLY B 36 -1.71 22.42 11.60
C GLY B 36 -2.95 22.86 10.82
N LEU B 37 -3.46 21.97 9.97
CA LEU B 37 -4.70 22.26 9.24
C LEU B 37 -5.93 22.14 10.13
N VAL B 38 -5.91 21.15 11.03
CA VAL B 38 -7.13 20.82 11.77
C VAL B 38 -7.01 21.26 13.22
N TYR B 39 -5.98 20.74 13.91
CA TYR B 39 -5.68 21.18 15.28
C TYR B 39 -4.54 22.19 15.32
N GLU B 40 -4.67 23.19 16.18
CA GLU B 40 -3.76 24.32 16.19
C GLU B 40 -2.99 24.47 17.49
N PRO B 41 -1.79 25.07 17.42
CA PRO B 41 -0.95 25.35 18.57
C PRO B 41 -1.16 26.78 19.10
N LEU B 42 -0.65 27.03 20.29
CA LEU B 42 -0.71 28.36 20.88
C LEU B 42 0.10 29.36 20.06
N PHE B 43 1.25 28.90 19.57
CA PHE B 43 2.22 29.72 18.86
C PHE B 43 2.75 29.01 17.63
N LEU B 44 3.21 29.81 16.66
CA LEU B 44 4.14 29.29 15.65
C LEU B 44 5.56 29.69 16.04
N TYR B 45 6.55 28.98 15.51
CA TYR B 45 7.93 29.45 15.60
C TYR B 45 8.48 29.61 14.19
N ASP B 46 9.04 30.78 13.90
CA ASP B 46 9.65 31.07 12.61
C ASP B 46 11.15 30.82 12.71
N PRO B 47 11.60 29.70 12.14
CA PRO B 47 13.03 29.36 12.24
C PRO B 47 13.92 30.21 11.33
N LEU B 48 13.33 30.96 10.41
CA LEU B 48 14.14 31.82 9.53
C LEU B 48 14.60 33.07 10.26
N ASN B 49 13.84 33.45 11.28
CA ASN B 49 14.11 34.70 11.99
C ASN B 49 14.13 34.52 13.51
N ASP B 50 13.96 33.27 13.97
CA ASP B 50 14.03 32.94 15.40
C ASP B 50 13.02 33.74 16.23
N LYS B 51 11.76 33.70 15.80
CA LYS B 51 10.71 34.45 16.46
C LYS B 51 9.46 33.60 16.63
N PHE B 52 8.76 33.79 17.74
CA PHE B 52 7.47 33.15 17.92
C PHE B 52 6.37 34.05 17.39
N GLU B 53 5.37 33.46 16.76
CA GLU B 53 4.19 34.21 16.35
C GLU B 53 3.00 33.69 17.14
N PRO B 54 2.35 34.59 17.91
CA PRO B 54 1.20 34.13 18.70
C PRO B 54 0.10 33.67 17.76
N TRP B 55 -0.39 32.45 17.93
CA TRP B 55 -1.40 31.90 17.03
C TRP B 55 -2.75 31.88 17.75
N LEU B 56 -3.11 30.79 18.43
CA LEU B 56 -4.29 30.85 19.30
C LEU B 56 -4.06 31.86 20.41
N ALA B 57 -2.81 31.89 20.89
CA ALA B 57 -2.39 32.90 21.85
C ALA B 57 -2.38 34.29 21.23
N GLU B 58 -2.74 35.27 22.03
CA GLU B 58 -2.49 36.65 21.71
C GLU B 58 -1.09 37.06 22.15
N LYS B 59 -0.67 36.53 23.29
CA LYS B 59 0.59 36.93 23.90
C LYS B 59 0.99 35.88 24.93
N GLY B 60 2.29 35.73 25.17
CA GLY B 60 2.77 34.84 26.20
C GLY B 60 4.09 35.34 26.76
N GLU B 61 4.27 35.27 28.08
CA GLU B 61 5.54 35.72 28.65
C GLU B 61 5.79 35.11 30.02
N TRP B 62 7.07 34.92 30.31
CA TRP B 62 7.49 34.65 31.68
C TRP B 62 7.37 35.95 32.47
N VAL B 63 6.54 35.96 33.52
CA VAL B 63 6.42 37.15 34.37
C VAL B 63 7.27 37.03 35.65
N SER B 64 7.87 35.85 35.82
CA SER B 64 8.82 35.59 36.89
C SER B 64 9.62 34.36 36.46
N ASN B 65 10.60 33.97 37.26
N ASN B 65 10.58 33.94 37.28
CA ASN B 65 11.43 32.80 36.91
CA ASN B 65 11.43 32.81 36.94
C ASN B 65 10.59 31.53 36.69
C ASN B 65 10.66 31.48 36.81
N ASN B 66 9.49 31.39 37.42
CA ASN B 66 8.69 30.15 37.36
C ASN B 66 7.21 30.32 37.03
N GLU B 67 6.84 31.48 36.49
CA GLU B 67 5.45 31.73 36.08
C GLU B 67 5.39 32.25 34.64
N TYR B 68 4.65 31.53 33.80
CA TYR B 68 4.41 31.95 32.43
C TYR B 68 2.95 32.33 32.25
N VAL B 69 2.71 33.57 31.84
CA VAL B 69 1.32 34.03 31.64
C VAL B 69 0.97 33.99 30.17
N LEU B 70 -0.06 33.21 29.89
CA LEU B 70 -0.59 33.02 28.55
C LEU B 70 -1.90 33.77 28.40
N THR B 71 -1.97 34.65 27.41
CA THR B 71 -3.21 35.36 27.09
C THR B 71 -3.74 34.83 25.76
N LEU B 72 -4.97 34.32 25.76
CA LEU B 72 -5.60 33.85 24.52
C LEU B 72 -6.30 34.96 23.78
N ARG B 73 -6.34 34.85 22.44
CA ARG B 73 -7.12 35.81 21.66
C ARG B 73 -8.60 35.66 21.96
N LYS B 74 -9.35 36.74 21.76
CA LYS B 74 -10.80 36.70 21.70
C LYS B 74 -11.29 36.05 20.40
N GLY B 75 -12.52 35.56 20.42
CA GLY B 75 -13.18 35.09 19.22
C GLY B 75 -12.63 33.80 18.62
N LEU B 76 -11.99 32.96 19.44
CA LEU B 76 -11.50 31.68 18.96
C LEU B 76 -12.69 30.71 18.91
N ARG B 77 -12.72 29.83 17.91
CA ARG B 77 -13.88 28.97 17.76
C ARG B 77 -13.51 27.59 17.18
N TRP B 78 -14.11 26.53 17.73
CA TRP B 78 -13.97 25.19 17.16
C TRP B 78 -14.76 25.09 15.88
N GLN B 79 -14.43 24.10 15.06
CA GLN B 79 -15.09 23.91 13.78
C GLN B 79 -16.59 23.59 13.90
N ASP B 80 -17.02 23.20 15.09
CA ASP B 80 -18.44 22.92 15.31
C ASP B 80 -19.14 24.15 15.91
N GLY B 81 -18.46 25.29 15.91
CA GLY B 81 -19.07 26.53 16.34
C GLY B 81 -18.92 26.83 17.83
N VAL B 82 -18.49 25.83 18.60
CA VAL B 82 -18.33 26.02 20.04
C VAL B 82 -17.11 26.91 20.27
N PRO B 83 -17.24 27.92 21.15
CA PRO B 83 -16.09 28.78 21.43
C PRO B 83 -14.88 27.99 21.93
N LEU B 84 -13.69 28.32 21.44
CA LEU B 84 -12.46 27.76 21.99
C LEU B 84 -11.98 28.75 23.04
N THR B 85 -11.82 28.29 24.28
CA THR B 85 -11.46 29.22 25.37
C THR B 85 -10.32 28.68 26.19
N ALA B 86 -9.92 29.44 27.22
CA ALA B 86 -8.86 29.00 28.10
C ALA B 86 -9.20 27.64 28.74
N ASP B 87 -10.51 27.35 28.89
CA ASP B 87 -10.99 26.05 29.37
C ASP B 87 -10.34 24.91 28.58
N ASP B 88 -10.21 25.11 27.28
CA ASP B 88 -9.70 24.06 26.40
C ASP B 88 -8.19 23.92 26.56
N VAL B 89 -7.52 25.03 26.80
CA VAL B 89 -6.08 24.98 26.98
C VAL B 89 -5.77 24.29 28.31
N VAL B 90 -6.52 24.64 29.35
CA VAL B 90 -6.36 23.99 30.63
C VAL B 90 -6.59 22.48 30.51
N PHE B 91 -7.68 22.11 29.86
CA PHE B 91 -8.00 20.69 29.65
C PHE B 91 -6.90 19.97 28.86
N THR B 92 -6.38 20.64 27.83
CA THR B 92 -5.36 20.01 26.98
C THR B 92 -4.16 19.58 27.82
N PHE B 93 -3.81 20.38 28.82
CA PHE B 93 -2.72 19.98 29.71
C PHE B 93 -3.18 19.00 30.78
N GLU B 94 -4.29 19.29 31.45
CA GLU B 94 -4.69 18.50 32.60
C GLU B 94 -5.13 17.08 32.26
N ILE B 95 -5.56 16.83 31.03
CA ILE B 95 -5.95 15.47 30.66
C ILE B 95 -4.76 14.53 30.83
N ALA B 96 -3.56 15.09 30.68
CA ALA B 96 -2.32 14.32 30.74
C ALA B 96 -1.85 14.11 32.17
N LYS B 97 -2.48 14.80 33.12
CA LYS B 97 -2.21 14.54 34.53
C LYS B 97 -2.88 13.23 34.94
N LYS B 98 -4.17 13.08 34.63
CA LYS B 98 -4.90 11.86 34.94
C LYS B 98 -4.50 10.67 34.03
N TYR B 99 -4.24 10.95 32.76
CA TYR B 99 -3.93 9.91 31.78
C TYR B 99 -2.43 9.88 31.46
N THR B 100 -1.66 9.09 32.21
CA THR B 100 -0.21 9.14 32.07
C THR B 100 0.31 8.50 30.79
N GLY B 101 -0.57 7.83 30.04
CA GLY B 101 -0.18 7.27 28.75
C GLY B 101 -0.03 8.30 27.64
N ILE B 102 -0.52 9.52 27.87
CA ILE B 102 -0.40 10.59 26.89
C ILE B 102 1.08 11.01 26.85
N SER B 103 1.59 11.29 25.66
CA SER B 103 3.03 11.49 25.48
C SER B 103 3.60 12.62 26.36
N TYR B 104 2.83 13.68 26.61
CA TYR B 104 3.37 14.82 27.38
C TYR B 104 2.92 14.82 28.84
N SER B 105 2.45 13.68 29.32
N SER B 105 2.44 13.68 29.32
CA SER B 105 2.13 13.53 30.74
CA SER B 105 2.15 13.52 30.72
C SER B 105 3.32 13.85 31.68
C SER B 105 3.31 13.90 31.66
N PRO B 106 4.58 13.63 31.26
CA PRO B 106 5.65 14.03 32.19
C PRO B 106 5.82 15.55 32.40
N VAL B 107 5.09 16.38 31.64
CA VAL B 107 5.11 17.84 31.90
C VAL B 107 4.72 18.12 33.36
N TRP B 108 3.92 17.24 33.97
CA TRP B 108 3.44 17.50 35.32
C TRP B 108 4.47 17.17 36.40
N ASN B 109 5.63 16.70 35.98
CA ASN B 109 6.74 16.54 36.89
C ASN B 109 7.41 17.88 37.14
N TRP B 110 7.16 18.86 36.25
CA TRP B 110 7.79 20.16 36.42
C TRP B 110 6.82 21.34 36.28
N LEU B 111 5.63 21.10 35.74
CA LEU B 111 4.54 22.07 35.86
C LEU B 111 3.75 21.75 37.12
N GLY B 112 3.47 22.77 37.95
CA GLY B 112 2.74 22.57 39.19
C GLY B 112 1.24 22.76 39.03
N ARG B 113 0.85 23.87 38.40
CA ARG B 113 -0.58 24.17 38.23
C ARG B 113 -0.80 25.22 37.14
N ILE B 114 -2.05 25.33 36.69
CA ILE B 114 -2.41 26.34 35.72
C ILE B 114 -3.54 27.19 36.29
N GLU B 115 -3.22 28.40 36.72
CA GLU B 115 -4.22 29.28 37.34
C GLU B 115 -5.03 30.01 36.29
N ARG B 116 -6.33 30.12 36.53
CA ARG B 116 -7.21 30.92 35.68
C ARG B 116 -7.16 32.35 36.21
N VAL B 117 -6.55 33.26 35.47
CA VAL B 117 -6.36 34.64 35.91
C VAL B 117 -7.61 35.48 35.64
N ASP B 118 -8.13 35.39 34.42
CA ASP B 118 -9.40 36.00 34.08
C ASP B 118 -9.99 35.18 32.93
N GLU B 119 -10.97 35.72 32.21
CA GLU B 119 -11.63 34.96 31.15
C GLU B 119 -10.70 34.35 30.11
N ARG B 120 -9.67 35.07 29.66
CA ARG B 120 -8.80 34.48 28.66
C ARG B 120 -7.32 34.42 29.04
N THR B 121 -7.01 34.49 30.33
CA THR B 121 -5.61 34.49 30.76
C THR B 121 -5.32 33.34 31.73
N LEU B 122 -4.22 32.63 31.48
CA LEU B 122 -3.78 31.52 32.31
C LEU B 122 -2.39 31.81 32.85
N LYS B 123 -2.14 31.43 34.11
CA LYS B 123 -0.79 31.51 34.65
C LYS B 123 -0.28 30.11 34.93
N PHE B 124 0.70 29.68 34.14
CA PHE B 124 1.36 28.40 34.35
C PHE B 124 2.42 28.57 35.42
N VAL B 125 2.27 27.85 36.51
CA VAL B 125 3.21 27.96 37.61
C VAL B 125 4.04 26.67 37.70
N PHE B 126 5.35 26.80 37.54
CA PHE B 126 6.24 25.65 37.45
C PHE B 126 6.99 25.36 38.74
N SER B 127 7.06 24.08 39.11
CA SER B 127 7.89 23.66 40.22
C SER B 127 9.36 23.60 39.77
N ASP B 128 9.55 23.45 38.45
CA ASP B 128 10.89 23.29 37.87
C ASP B 128 10.85 23.83 36.44
N PRO B 129 11.16 25.13 36.27
CA PRO B 129 10.95 25.80 34.98
C PRO B 129 11.90 25.32 33.89
N ARG B 130 11.44 24.42 33.03
CA ARG B 130 12.28 23.91 31.96
C ARG B 130 12.05 24.74 30.71
N TYR B 131 12.77 25.88 30.62
CA TYR B 131 12.53 26.88 29.58
C TYR B 131 12.68 26.35 28.15
N GLN B 132 13.65 25.47 27.92
CA GLN B 132 13.95 25.06 26.56
C GLN B 132 12.83 24.17 26.04
N GLU B 133 12.45 23.18 26.84
CA GLU B 133 11.36 22.30 26.49
C GLU B 133 10.03 23.06 26.40
N TRP B 134 9.85 24.06 27.25
CA TRP B 134 8.60 24.82 27.22
C TRP B 134 8.43 25.49 25.85
N LYS B 135 9.53 25.99 25.27
CA LYS B 135 9.46 26.58 23.92
C LYS B 135 8.86 25.60 22.91
N GLN B 136 9.30 24.35 22.98
CA GLN B 136 8.80 23.33 22.04
C GLN B 136 7.35 22.99 22.32
N MET B 137 6.98 22.95 23.60
CA MET B 137 5.60 22.64 23.96
C MET B 137 4.62 23.72 23.48
N LEU B 138 5.05 24.98 23.47
CA LEU B 138 4.18 26.06 23.02
C LEU B 138 3.83 25.94 21.55
N ILE B 139 4.70 25.32 20.73
CA ILE B 139 4.42 25.21 19.31
C ILE B 139 3.97 23.82 18.89
N ASN B 140 4.23 22.82 19.72
CA ASN B 140 3.93 21.43 19.33
C ASN B 140 2.70 20.82 19.98
N THR B 141 2.22 21.43 21.06
CA THR B 141 1.04 20.89 21.74
C THR B 141 -0.24 21.36 21.09
N PRO B 142 -0.97 20.46 20.42
CA PRO B 142 -2.25 20.92 19.86
C PRO B 142 -3.28 21.16 20.94
N ILE B 143 -4.08 22.21 20.79
CA ILE B 143 -5.19 22.44 21.71
C ILE B 143 -6.39 21.61 21.24
N VAL B 144 -6.94 20.78 22.13
CA VAL B 144 -8.07 19.91 21.78
C VAL B 144 -9.35 20.34 22.53
N PRO B 145 -10.53 20.03 21.96
CA PRO B 145 -11.78 20.52 22.56
C PRO B 145 -12.24 19.73 23.77
N LYS B 146 -12.28 20.39 24.91
CA LYS B 146 -12.78 19.77 26.14
C LYS B 146 -14.15 19.09 25.95
N HIS B 147 -15.06 19.75 25.23
CA HIS B 147 -16.42 19.28 25.14
C HIS B 147 -16.53 17.99 24.33
N ILE B 148 -15.47 17.65 23.59
CA ILE B 148 -15.48 16.42 22.83
C ILE B 148 -14.71 15.30 23.54
N TRP B 149 -13.57 15.64 24.13
CA TRP B 149 -12.64 14.64 24.66
C TRP B 149 -12.78 14.31 26.16
N GLU B 150 -13.50 15.13 26.91
CA GLU B 150 -13.43 15.07 28.37
C GLU B 150 -14.05 13.81 28.96
N ASN B 151 -14.97 13.18 28.25
CA ASN B 151 -15.60 12.01 28.83
C ASN B 151 -15.00 10.70 28.29
N LYS B 152 -13.94 10.83 27.48
CA LYS B 152 -13.28 9.65 26.91
C LYS B 152 -12.33 8.98 27.89
N THR B 153 -12.27 7.65 27.84
CA THR B 153 -11.30 6.90 28.63
C THR B 153 -9.91 7.10 28.02
N GLU B 154 -8.88 6.75 28.76
N GLU B 154 -8.88 6.74 28.76
CA GLU B 154 -7.51 6.82 28.24
CA GLU B 154 -7.51 6.81 28.25
C GLU B 154 -7.35 5.94 27.00
C GLU B 154 -7.35 5.94 27.00
N GLU B 155 -7.99 4.77 27.01
CA GLU B 155 -7.93 3.87 25.87
C GLU B 155 -8.58 4.52 24.66
N GLU B 156 -9.72 5.18 24.88
CA GLU B 156 -10.38 5.93 23.82
C GLU B 156 -9.53 7.07 23.29
N VAL B 157 -8.97 7.86 24.21
CA VAL B 157 -8.11 8.97 23.83
C VAL B 157 -6.92 8.52 22.99
N LEU B 158 -6.27 7.42 23.38
CA LEU B 158 -5.05 7.00 22.72
C LEU B 158 -5.31 6.18 21.46
N GLN B 159 -6.39 5.42 21.45
CA GLN B 159 -6.65 4.49 20.35
C GLN B 159 -7.69 4.94 19.32
N ALA B 160 -8.45 6.00 19.62
CA ALA B 160 -9.49 6.45 18.69
C ALA B 160 -8.92 6.84 17.33
N ALA B 161 -9.58 6.43 16.26
CA ALA B 161 -9.17 6.86 14.93
C ALA B 161 -9.49 8.35 14.74
N ASN B 162 -10.53 8.82 15.45
CA ASN B 162 -10.95 10.22 15.37
C ASN B 162 -11.25 10.64 13.93
N GLU B 163 -12.01 9.80 13.22
CA GLU B 163 -12.53 10.15 11.91
C GLU B 163 -13.36 11.43 11.98
N ASN B 164 -13.33 12.21 10.91
CA ASN B 164 -13.98 13.51 10.88
C ASN B 164 -13.59 14.39 12.06
N PRO B 165 -12.28 14.62 12.23
CA PRO B 165 -11.82 15.34 13.41
C PRO B 165 -12.39 16.74 13.54
N VAL B 166 -12.73 17.14 14.76
CA VAL B 166 -13.22 18.49 15.00
C VAL B 166 -12.10 19.30 15.63
N GLY B 167 -11.42 20.10 14.80
CA GLY B 167 -10.36 20.96 15.28
C GLY B 167 -10.79 22.43 15.26
N SER B 168 -9.85 23.36 15.38
CA SER B 168 -10.18 24.78 15.28
C SER B 168 -9.52 25.41 14.06
N GLY B 169 -8.86 24.60 13.25
CA GLY B 169 -8.04 25.13 12.17
C GLY B 169 -8.80 25.45 10.88
N PRO B 170 -8.06 25.93 9.87
CA PRO B 170 -8.63 26.44 8.62
C PRO B 170 -9.25 25.36 7.73
N TYR B 171 -8.95 24.09 7.99
CA TYR B 171 -9.46 23.00 7.17
C TYR B 171 -10.02 21.86 8.00
N TYR B 172 -11.06 21.22 7.47
CA TYR B 172 -11.55 19.97 8.06
C TYR B 172 -11.39 18.85 7.02
N VAL B 173 -11.65 17.62 7.42
CA VAL B 173 -11.55 16.49 6.48
C VAL B 173 -12.86 16.22 5.74
N GLU B 174 -12.85 16.41 4.42
CA GLU B 174 -14.05 16.18 3.63
C GLU B 174 -14.22 14.70 3.29
N SER B 175 -13.13 14.04 2.92
CA SER B 175 -13.19 12.64 2.52
C SER B 175 -11.79 12.04 2.54
N TRP B 176 -11.71 10.72 2.39
CA TRP B 176 -10.39 10.08 2.31
C TRP B 176 -10.55 8.70 1.70
N ALA B 177 -9.43 8.16 1.24
CA ALA B 177 -9.41 6.84 0.60
C ALA B 177 -7.99 6.34 0.68
N ASP B 178 -7.74 5.14 0.13
CA ASP B 178 -6.43 4.49 0.22
C ASP B 178 -5.28 5.41 -0.20
N ASP B 179 -5.53 6.28 -1.19
CA ASP B 179 -4.45 7.07 -1.79
C ASP B 179 -4.54 8.59 -1.53
N ARG B 180 -5.44 9.03 -0.66
CA ARG B 180 -5.57 10.47 -0.46
C ARG B 180 -6.40 10.85 0.75
N CYS B 181 -6.11 12.02 1.30
CA CYS B 181 -6.98 12.64 2.29
C CYS B 181 -7.35 14.01 1.75
N VAL B 182 -8.64 14.28 1.62
CA VAL B 182 -9.09 15.56 1.09
C VAL B 182 -9.52 16.52 2.21
N PHE B 183 -8.78 17.62 2.33
CA PHE B 183 -9.10 18.67 3.29
C PHE B 183 -9.93 19.77 2.63
N LYS B 184 -10.95 20.25 3.35
CA LYS B 184 -11.84 21.29 2.80
C LYS B 184 -11.74 22.53 3.68
N LYS B 185 -11.69 23.69 3.05
CA LYS B 185 -11.60 24.97 3.76
C LYS B 185 -12.81 25.26 4.64
N ASN B 186 -12.56 25.62 5.90
CA ASN B 186 -13.64 26.13 6.73
C ASN B 186 -13.80 27.61 6.51
N GLY B 187 -14.84 28.00 5.79
CA GLY B 187 -15.10 29.40 5.49
C GLY B 187 -15.31 30.22 6.75
N ASN B 188 -15.59 29.55 7.87
CA ASN B 188 -15.84 30.21 9.14
C ASN B 188 -14.64 30.22 10.09
N TRP B 189 -13.46 29.86 9.58
CA TRP B 189 -12.27 29.76 10.42
C TRP B 189 -12.04 31.07 11.17
N TRP B 190 -11.86 30.97 12.48
CA TRP B 190 -11.70 32.16 13.32
C TRP B 190 -10.51 33.02 12.83
N GLY B 191 -9.52 32.37 12.23
CA GLY B 191 -8.32 33.06 11.77
C GLY B 191 -8.56 34.16 10.75
N ILE B 192 -9.58 33.98 9.92
CA ILE B 192 -9.87 34.95 8.86
C ILE B 192 -10.20 36.32 9.43
N ARG B 193 -11.14 36.34 10.38
CA ARG B 193 -11.49 37.57 11.08
C ARG B 193 -10.41 38.04 12.04
N GLU B 194 -9.91 37.13 12.86
CA GLU B 194 -9.07 37.54 13.97
C GLU B 194 -7.59 37.74 13.62
N LEU B 195 -7.10 37.01 12.61
CA LEU B 195 -5.69 37.14 12.21
C LEU B 195 -5.55 37.87 10.88
N GLY B 196 -6.62 37.89 10.08
CA GLY B 196 -6.54 38.49 8.77
C GLY B 196 -5.83 37.58 7.78
N TYR B 197 -5.66 36.31 8.14
CA TYR B 197 -5.14 35.32 7.21
C TYR B 197 -6.29 34.63 6.50
N ASP B 198 -6.23 34.54 5.18
CA ASP B 198 -7.28 33.83 4.45
C ASP B 198 -6.68 32.77 3.56
N PRO B 199 -6.84 31.49 3.94
CA PRO B 199 -6.26 30.40 3.15
C PRO B 199 -6.91 30.34 1.79
N LYS B 200 -6.06 30.27 0.76
CA LYS B 200 -6.54 30.41 -0.60
C LYS B 200 -7.17 29.14 -1.20
N PRO B 201 -6.55 27.96 -0.98
CA PRO B 201 -7.18 26.76 -1.55
C PRO B 201 -8.53 26.44 -0.91
N GLU B 202 -9.54 26.14 -1.72
CA GLU B 202 -10.81 25.65 -1.22
C GLU B 202 -10.65 24.19 -0.74
N ARG B 203 -9.78 23.46 -1.41
CA ARG B 203 -9.46 22.09 -1.02
C ARG B 203 -7.96 21.88 -1.11
N ILE B 204 -7.45 21.11 -0.17
CA ILE B 204 -6.08 20.59 -0.22
C ILE B 204 -6.20 19.07 -0.28
N VAL B 205 -5.76 18.52 -1.40
CA VAL B 205 -5.81 17.07 -1.57
C VAL B 205 -4.42 16.56 -1.25
N GLU B 206 -4.30 15.84 -0.13
CA GLU B 206 -3.03 15.25 0.27
C GLU B 206 -2.94 13.88 -0.37
N LEU B 207 -1.98 13.73 -1.28
CA LEU B 207 -1.82 12.49 -2.07
C LEU B 207 -0.78 11.55 -1.49
N ARG B 208 -1.09 10.26 -1.57
CA ARG B 208 -0.19 9.17 -1.17
C ARG B 208 0.30 8.44 -2.41
N VAL B 209 1.62 8.23 -2.51
CA VAL B 209 2.19 7.35 -3.54
C VAL B 209 3.04 6.30 -2.85
N LEU B 210 3.36 5.23 -3.58
CA LEU B 210 4.17 4.15 -2.97
C LEU B 210 5.69 4.39 -3.02
N SER B 211 6.09 5.36 -3.82
CA SER B 211 7.51 5.68 -3.97
C SER B 211 7.69 7.08 -4.55
N ASN B 212 8.78 7.74 -4.19
CA ASN B 212 9.11 9.05 -4.76
C ASN B 212 9.03 9.07 -6.29
N ASN B 213 9.40 7.94 -6.88
CA ASN B 213 9.40 7.79 -8.33
C ASN B 213 8.07 8.15 -8.99
N VAL B 214 6.98 7.89 -8.29
CA VAL B 214 5.65 8.16 -8.83
C VAL B 214 5.36 9.66 -8.81
N ALA B 215 5.89 10.35 -7.79
CA ALA B 215 5.67 11.79 -7.64
C ALA B 215 6.33 12.60 -8.75
N VAL B 216 7.47 12.13 -9.23
CA VAL B 216 8.19 12.83 -10.31
C VAL B 216 7.28 13.20 -11.50
N GLY B 217 6.57 12.21 -12.04
CA GLY B 217 5.74 12.45 -13.20
C GLY B 217 4.54 13.32 -12.88
N MET B 218 4.00 13.17 -11.67
CA MET B 218 2.87 13.99 -11.25
C MET B 218 3.26 15.46 -11.26
N LEU B 219 4.45 15.76 -10.73
CA LEU B 219 4.90 17.16 -10.65
C LEU B 219 5.18 17.68 -12.06
N MET B 220 5.82 16.85 -12.89
CA MET B 220 6.11 17.23 -14.27
C MET B 220 4.85 17.58 -15.06
N LYS B 221 3.76 16.85 -14.80
CA LYS B 221 2.51 17.00 -15.54
C LYS B 221 1.53 17.95 -14.85
N GLY B 222 1.94 18.51 -13.73
CA GLY B 222 1.09 19.44 -13.00
C GLY B 222 -0.10 18.80 -12.30
N GLU B 223 0.02 17.50 -12.00
CA GLU B 223 -0.98 16.78 -11.22
C GLU B 223 -0.70 16.93 -9.73
N LEU B 224 0.51 17.43 -9.44
CA LEU B 224 0.95 17.72 -8.10
C LEU B 224 1.39 19.19 -8.10
N ASP B 225 0.94 19.96 -7.12
CA ASP B 225 1.32 21.38 -7.04
C ASP B 225 2.49 21.57 -6.10
N TRP B 226 2.37 20.93 -4.94
CA TRP B 226 3.26 21.18 -3.81
C TRP B 226 3.92 19.86 -3.41
N SER B 227 5.22 19.72 -3.68
CA SER B 227 5.93 18.51 -3.30
C SER B 227 6.85 18.68 -2.09
N ASN B 228 6.63 17.88 -1.05
CA ASN B 228 7.62 17.68 0.00
C ASN B 228 8.20 16.27 -0.12
N PHE B 229 8.18 15.73 -1.33
CA PHE B 229 8.95 14.54 -1.68
C PHE B 229 10.39 14.91 -1.97
N PHE B 230 11.32 14.03 -1.60
CA PHE B 230 12.61 14.06 -2.27
C PHE B 230 12.41 13.70 -3.73
N LEU B 231 12.91 14.54 -4.63
CA LEU B 231 12.93 14.22 -6.06
C LEU B 231 14.33 14.44 -6.59
N PRO B 232 14.81 13.52 -7.41
CA PRO B 232 16.13 13.66 -8.06
C PRO B 232 16.02 14.54 -9.30
N GLY B 233 17.15 14.90 -9.91
CA GLY B 233 17.16 15.60 -11.18
C GLY B 233 16.50 16.97 -11.13
N VAL B 234 16.68 17.67 -10.01
CA VAL B 234 16.06 18.98 -9.84
C VAL B 234 16.46 20.01 -10.92
N PRO B 235 17.73 20.02 -11.36
CA PRO B 235 18.04 20.96 -12.44
C PRO B 235 17.16 20.77 -13.67
N VAL B 236 16.90 19.51 -14.02
CA VAL B 236 16.07 19.25 -15.19
C VAL B 236 14.62 19.63 -14.90
N LEU B 237 14.16 19.35 -13.67
CA LEU B 237 12.81 19.76 -13.29
C LEU B 237 12.62 21.27 -13.45
N LYS B 238 13.60 22.05 -13.01
CA LYS B 238 13.48 23.51 -13.06
C LYS B 238 13.59 24.03 -14.49
N LYS B 239 14.47 23.41 -15.28
CA LYS B 239 14.75 23.86 -16.65
C LYS B 239 13.62 23.53 -17.61
N ALA B 240 13.11 22.31 -17.50
CA ALA B 240 12.20 21.77 -18.51
C ALA B 240 10.74 21.81 -18.08
N TYR B 241 10.49 21.94 -16.79
CA TYR B 241 9.11 21.90 -16.30
C TYR B 241 8.74 23.09 -15.42
N GLY B 242 9.63 24.09 -15.36
CA GLY B 242 9.33 25.33 -14.67
C GLY B 242 9.09 25.15 -13.18
N ILE B 243 9.70 24.12 -12.62
CA ILE B 243 9.57 23.84 -11.20
C ILE B 243 10.31 24.89 -10.36
N VAL B 244 9.69 25.33 -9.26
CA VAL B 244 10.35 26.26 -8.34
C VAL B 244 10.82 25.55 -7.06
N THR B 245 11.89 26.08 -6.49
CA THR B 245 12.45 25.60 -5.22
C THR B 245 12.76 26.80 -4.34
N TRP B 246 13.20 26.55 -3.11
CA TRP B 246 13.52 27.64 -2.18
C TRP B 246 14.69 28.50 -2.67
N TYR B 247 15.82 27.83 -2.90
CA TYR B 247 16.96 28.46 -3.56
C TYR B 247 16.82 28.33 -5.06
N GLU B 248 17.07 29.42 -5.77
CA GLU B 248 17.04 29.42 -7.23
C GLU B 248 18.04 28.43 -7.82
N ASN B 249 19.25 28.44 -7.27
CA ASN B 249 20.32 27.57 -7.76
C ASN B 249 20.69 26.51 -6.74
N ALA B 250 21.62 25.65 -7.12
CA ALA B 250 22.14 24.65 -6.19
C ALA B 250 22.49 25.34 -4.89
N PRO B 251 22.22 24.71 -3.75
CA PRO B 251 21.72 23.33 -3.52
C PRO B 251 20.20 23.20 -3.51
N TYR B 252 19.48 24.26 -3.86
CA TYR B 252 18.00 24.22 -3.98
C TYR B 252 17.20 24.08 -2.69
N MET B 253 17.71 23.30 -1.73
CA MET B 253 16.95 22.91 -0.54
C MET B 253 17.55 23.43 0.77
N LEU B 254 16.69 23.97 1.63
CA LEU B 254 17.04 24.26 3.01
C LEU B 254 17.37 22.96 3.73
N PRO B 255 18.22 23.02 4.75
CA PRO B 255 18.39 21.83 5.60
C PRO B 255 17.24 21.71 6.60
N ALA B 256 16.82 20.48 6.88
CA ALA B 256 15.64 20.22 7.71
C ALA B 256 15.97 19.58 9.05
N ASN B 257 16.95 18.69 9.05
CA ASN B 257 17.24 17.88 10.23
C ASN B 257 18.54 17.13 10.07
N THR B 258 18.92 16.38 11.10
CA THR B 258 20.14 15.59 11.03
C THR B 258 19.78 14.14 10.78
N ALA B 259 20.18 13.62 9.62
CA ALA B 259 19.98 12.21 9.32
C ALA B 259 21.14 11.42 9.90
N GLY B 260 20.83 10.36 10.63
CA GLY B 260 21.89 9.55 11.19
C GLY B 260 21.39 8.17 11.56
N ILE B 261 22.29 7.35 12.07
CA ILE B 261 21.93 5.97 12.39
C ILE B 261 21.70 5.77 13.88
N TYR B 262 20.47 5.38 14.24
CA TYR B 262 20.22 4.94 15.61
C TYR B 262 20.64 3.49 15.72
N ILE B 263 21.23 3.14 16.85
CA ILE B 263 21.78 1.81 17.05
C ILE B 263 21.10 1.10 18.22
N ASN B 264 20.66 -0.13 18.00
CA ASN B 264 20.13 -0.97 19.08
C ASN B 264 21.25 -1.40 20.03
N VAL B 265 21.38 -0.71 21.15
CA VAL B 265 22.53 -0.95 22.03
C VAL B 265 22.31 -2.14 22.96
N ASN B 266 21.15 -2.78 22.85
CA ASN B 266 20.87 -3.90 23.74
C ASN B 266 21.02 -5.22 23.00
N LYS B 267 21.74 -5.14 21.88
CA LYS B 267 22.06 -6.32 21.09
C LYS B 267 23.58 -6.38 20.86
N TYR B 268 24.19 -7.53 21.18
CA TYR B 268 25.62 -7.73 20.92
C TYR B 268 25.85 -7.89 19.41
N PRO B 269 26.91 -7.27 18.85
CA PRO B 269 27.95 -6.46 19.48
C PRO B 269 27.67 -4.95 19.41
N LEU B 270 26.45 -4.56 19.06
CA LEU B 270 26.10 -3.16 18.95
C LEU B 270 26.10 -2.52 20.34
N SER B 271 26.03 -3.36 21.37
CA SER B 271 26.11 -2.92 22.77
C SER B 271 27.49 -2.37 23.14
N ILE B 272 28.50 -2.70 22.36
CA ILE B 272 29.87 -2.24 22.63
C ILE B 272 30.13 -0.86 22.05
N PRO B 273 30.38 0.14 22.90
CA PRO B 273 30.66 1.52 22.47
C PRO B 273 31.77 1.61 21.42
N GLU B 274 32.87 0.90 21.61
CA GLU B 274 33.92 0.98 20.61
C GLU B 274 33.49 0.37 19.26
N PHE B 275 32.58 -0.61 19.27
CA PHE B 275 32.09 -1.15 18.01
C PHE B 275 31.30 -0.08 17.25
N ARG B 276 30.50 0.68 18.00
CA ARG B 276 29.75 1.78 17.44
C ARG B 276 30.69 2.84 16.87
N ARG B 277 31.80 3.10 17.56
CA ARG B 277 32.83 4.01 17.04
C ARG B 277 33.40 3.50 15.71
N ALA B 278 33.68 2.20 15.64
CA ALA B 278 34.24 1.64 14.40
C ALA B 278 33.30 1.88 13.23
N MET B 279 32.00 1.65 13.46
CA MET B 279 31.04 1.87 12.41
C MET B 279 31.06 3.33 11.93
N ALA B 280 31.18 4.27 12.87
CA ALA B 280 31.22 5.68 12.53
C ALA B 280 32.43 6.01 11.64
N TYR B 281 33.59 5.49 12.00
CA TYR B 281 34.79 5.67 11.18
C TYR B 281 34.67 5.03 9.81
N ALA B 282 33.90 3.95 9.69
CA ALA B 282 33.83 3.21 8.43
C ALA B 282 33.03 3.94 7.36
N ILE B 283 32.13 4.81 7.77
CA ILE B 283 31.14 5.36 6.85
C ILE B 283 31.64 6.63 6.17
N ASN B 284 31.47 6.67 4.84
CA ASN B 284 31.86 7.83 4.03
C ASN B 284 30.64 8.69 3.67
N PRO B 285 30.39 9.76 4.44
CA PRO B 285 29.21 10.58 4.16
C PRO B 285 29.27 11.32 2.82
N GLU B 286 30.48 11.61 2.34
N GLU B 286 30.48 11.62 2.34
CA GLU B 286 30.59 12.35 1.10
CA GLU B 286 30.61 12.35 1.08
C GLU B 286 30.11 11.53 -0.09
C GLU B 286 30.07 11.52 -0.07
N LYS B 287 30.27 10.21 -0.01
N LYS B 287 30.29 10.21 -0.02
CA LYS B 287 29.77 9.34 -1.07
CA LYS B 287 29.78 9.31 -1.04
C LYS B 287 28.25 9.38 -1.10
C LYS B 287 28.25 9.37 -1.10
N ILE B 288 27.63 9.55 0.07
CA ILE B 288 26.19 9.69 0.18
C ILE B 288 25.74 11.04 -0.40
N VAL B 289 26.45 12.08 0.01
CA VAL B 289 26.18 13.43 -0.44
C VAL B 289 26.18 13.54 -1.96
N THR B 290 27.12 12.89 -2.61
CA THR B 290 27.16 12.97 -4.06
C THR B 290 26.24 11.93 -4.71
N ARG B 291 26.34 10.66 -4.32
CA ARG B 291 25.60 9.61 -5.03
C ARG B 291 24.08 9.68 -4.79
N ALA B 292 23.66 9.95 -3.55
CA ALA B 292 22.23 10.00 -3.25
C ALA B 292 21.65 11.38 -3.52
N TYR B 293 22.44 12.43 -3.27
CA TYR B 293 21.88 13.78 -3.19
C TYR B 293 22.35 14.77 -4.23
N GLU B 294 23.31 14.37 -5.07
CA GLU B 294 23.85 15.27 -6.09
C GLU B 294 24.22 16.62 -5.45
N ASN B 295 24.79 16.53 -4.24
CA ASN B 295 25.21 17.68 -3.43
C ASN B 295 24.12 18.66 -3.00
N MET B 296 22.87 18.21 -2.96
CA MET B 296 21.81 19.09 -2.47
C MET B 296 21.84 19.17 -0.94
N VAL B 297 22.60 18.27 -0.29
CA VAL B 297 22.79 18.34 1.15
C VAL B 297 24.27 18.41 1.49
N THR B 298 24.58 18.68 2.76
CA THR B 298 25.97 18.63 3.20
C THR B 298 26.13 17.56 4.27
N ALA B 299 27.33 17.05 4.43
CA ALA B 299 27.61 16.07 5.48
C ALA B 299 27.57 16.78 6.83
N ALA B 300 27.27 16.02 7.89
CA ALA B 300 27.12 16.61 9.21
C ALA B 300 28.45 16.68 9.92
N ASN B 301 28.59 17.69 10.78
CA ASN B 301 29.69 17.68 11.72
C ASN B 301 29.44 16.49 12.66
N PRO B 302 30.50 15.97 13.30
CA PRO B 302 30.39 14.74 14.08
C PRO B 302 29.36 14.78 15.20
N ALA B 303 29.10 15.96 15.75
CA ALA B 303 28.11 16.11 16.81
C ALA B 303 26.69 16.16 16.28
N GLY B 304 26.55 16.34 14.97
CA GLY B 304 25.23 16.34 14.34
C GLY B 304 24.43 17.60 14.57
N ILE B 305 25.13 18.67 14.91
CA ILE B 305 24.45 19.93 15.21
C ILE B 305 24.12 20.65 13.90
N LEU B 306 22.84 20.95 13.71
CA LEU B 306 22.37 21.66 12.52
C LEU B 306 23.09 22.98 12.35
N PRO B 307 23.43 23.33 11.10
CA PRO B 307 24.15 24.58 10.86
C PRO B 307 23.29 25.84 11.05
N LEU B 308 22.36 25.82 12.01
CA LEU B 308 21.52 26.97 12.33
C LEU B 308 22.27 27.91 13.26
N PRO B 309 22.17 29.24 13.01
CA PRO B 309 22.90 30.19 13.85
C PRO B 309 22.51 30.08 15.33
N GLY B 310 21.25 29.77 15.63
CA GLY B 310 20.79 29.63 17.00
C GLY B 310 21.32 28.38 17.68
N TYR B 311 21.75 27.40 16.89
CA TYR B 311 22.46 26.21 17.40
C TYR B 311 23.97 26.42 17.42
N MET B 312 24.52 26.96 16.33
CA MET B 312 25.97 26.99 16.16
C MET B 312 26.65 27.95 17.12
N LYS B 313 25.89 28.82 17.74
CA LYS B 313 26.47 29.70 18.76
C LYS B 313 26.83 28.90 20.02
N TYR B 314 26.43 27.63 20.05
CA TYR B 314 26.81 26.72 21.13
C TYR B 314 27.70 25.59 20.65
N TYR B 315 28.25 25.71 19.44
CA TYR B 315 29.03 24.61 18.89
C TYR B 315 30.25 24.27 19.75
N PRO B 316 30.37 23.00 20.14
CA PRO B 316 31.44 22.54 21.04
C PRO B 316 32.72 22.23 20.27
N LYS B 317 33.38 23.27 19.79
CA LYS B 317 34.49 23.11 18.86
C LYS B 317 35.62 22.27 19.47
N GLU B 318 36.02 22.58 20.70
N GLU B 318 36.03 22.57 20.70
CA GLU B 318 37.10 21.87 21.38
CA GLU B 318 37.14 21.85 21.34
C GLU B 318 36.79 20.38 21.51
C GLU B 318 36.81 20.37 21.53
N VAL B 319 35.57 20.08 21.91
CA VAL B 319 35.14 18.70 22.15
C VAL B 319 35.14 17.90 20.85
N VAL B 320 34.67 18.49 19.76
CA VAL B 320 34.62 17.80 18.48
C VAL B 320 36.03 17.60 17.92
N ASP B 321 36.89 18.59 18.10
CA ASP B 321 38.29 18.46 17.67
C ASP B 321 38.96 17.28 18.39
N LYS B 322 38.57 17.08 19.64
CA LYS B 322 39.27 16.13 20.51
C LYS B 322 38.67 14.72 20.46
N TYR B 323 37.36 14.64 20.29
CA TYR B 323 36.63 13.38 20.41
C TYR B 323 35.83 12.99 19.18
N GLY B 324 35.90 13.79 18.12
CA GLY B 324 35.12 13.56 16.92
C GLY B 324 35.59 12.35 16.15
N PHE B 325 34.82 11.97 15.14
CA PHE B 325 35.22 10.90 14.23
C PHE B 325 35.22 11.48 12.82
N LYS B 326 35.75 10.73 11.87
CA LYS B 326 35.69 11.09 10.46
C LYS B 326 35.86 9.81 9.65
N TYR B 327 35.54 9.85 8.36
CA TYR B 327 35.70 8.68 7.50
C TYR B 327 37.16 8.22 7.44
N ASP B 328 37.42 7.09 8.06
CA ASP B 328 38.75 6.50 8.09
C ASP B 328 38.66 4.98 8.25
N PRO B 329 38.60 4.24 7.14
CA PRO B 329 38.45 2.78 7.20
C PRO B 329 39.59 2.10 7.96
N GLU B 330 40.79 2.67 7.90
CA GLU B 330 41.91 2.06 8.63
C GLU B 330 41.68 2.08 10.13
N MET B 331 41.10 3.18 10.62
CA MET B 331 40.77 3.27 12.04
C MET B 331 39.65 2.30 12.43
N ALA B 332 38.66 2.15 11.55
CA ALA B 332 37.59 1.17 11.79
C ALA B 332 38.16 -0.24 11.89
N LYS B 333 39.02 -0.61 10.93
CA LYS B 333 39.64 -1.93 10.93
C LYS B 333 40.48 -2.14 12.18
N LYS B 334 41.14 -1.07 12.60
CA LYS B 334 42.01 -1.13 13.77
C LYS B 334 41.21 -1.40 15.05
N ILE B 335 40.06 -0.75 15.17
CA ILE B 335 39.19 -0.96 16.32
C ILE B 335 38.60 -2.36 16.30
N LEU B 336 38.11 -2.80 15.14
CA LEU B 336 37.49 -4.11 15.01
C LEU B 336 38.47 -5.25 15.38
N ASP B 337 39.72 -5.12 14.93
CA ASP B 337 40.74 -6.08 15.31
C ASP B 337 41.02 -6.06 16.81
N GLU B 338 41.10 -4.86 17.37
CA GLU B 338 41.40 -4.69 18.79
C GLU B 338 40.29 -5.28 19.65
N LEU B 339 39.07 -5.27 19.11
CA LEU B 339 37.93 -5.89 19.77
C LEU B 339 37.86 -7.41 19.53
N GLY B 340 38.61 -7.90 18.56
CA GLY B 340 38.67 -9.33 18.29
C GLY B 340 37.69 -9.80 17.21
N PHE B 341 37.15 -8.86 16.44
CA PHE B 341 36.23 -9.23 15.37
C PHE B 341 36.99 -9.46 14.07
N LYS B 342 37.25 -10.73 13.74
CA LYS B 342 38.12 -11.04 12.59
C LYS B 342 37.52 -12.06 11.62
N ASP B 343 37.85 -11.89 10.34
CA ASP B 343 37.40 -12.80 9.30
C ASP B 343 38.23 -14.09 9.34
N VAL B 344 37.62 -15.18 9.77
CA VAL B 344 38.34 -16.45 9.86
C VAL B 344 38.04 -17.42 8.72
N ASN B 345 37.13 -17.07 7.82
CA ASN B 345 36.80 -17.99 6.73
C ASN B 345 36.90 -17.39 5.33
N LYS B 346 37.53 -16.22 5.23
CA LYS B 346 37.75 -15.55 3.94
C LYS B 346 36.47 -15.39 3.13
N ASP B 347 35.40 -14.98 3.79
CA ASP B 347 34.19 -14.60 3.06
C ASP B 347 34.09 -13.08 3.00
N GLY B 348 35.12 -12.41 3.51
CA GLY B 348 35.13 -10.97 3.58
C GLY B 348 34.31 -10.37 4.71
N PHE B 349 33.69 -11.24 5.53
CA PHE B 349 32.95 -10.78 6.71
C PHE B 349 33.67 -11.14 8.00
N ARG B 350 33.73 -10.22 8.95
CA ARG B 350 34.34 -10.53 10.24
C ARG B 350 33.41 -11.37 11.08
N GLU B 351 33.96 -12.45 11.64
CA GLU B 351 33.25 -13.24 12.64
C GLU B 351 33.42 -12.59 14.01
N ASP B 352 32.67 -13.04 15.01
CA ASP B 352 32.81 -12.48 16.37
C ASP B 352 34.11 -13.01 17.02
N PRO B 353 34.45 -12.57 18.26
CA PRO B 353 35.71 -13.05 18.84
C PRO B 353 35.72 -14.54 19.20
N ASN B 354 34.59 -15.20 19.09
CA ASN B 354 34.53 -16.64 19.33
C ASN B 354 34.50 -17.44 18.03
N GLY B 355 34.56 -16.72 16.91
CA GLY B 355 34.65 -17.35 15.61
C GLY B 355 33.29 -17.55 14.95
N LYS B 356 32.25 -17.06 15.62
CA LYS B 356 30.89 -17.19 15.09
C LYS B 356 30.54 -16.06 14.12
N PRO B 357 29.75 -16.36 13.09
CA PRO B 357 29.32 -15.29 12.20
C PRO B 357 28.37 -14.33 12.89
N PHE B 358 28.28 -13.11 12.39
CA PHE B 358 27.17 -12.24 12.74
C PHE B 358 26.88 -11.35 11.54
N LYS B 359 25.64 -10.91 11.43
CA LYS B 359 25.29 -9.95 10.41
C LYS B 359 24.24 -9.02 11.00
N LEU B 360 24.17 -7.83 10.42
CA LEU B 360 23.26 -6.78 10.89
C LEU B 360 22.39 -6.31 9.73
N THR B 361 21.21 -5.80 10.06
CA THR B 361 20.40 -5.08 9.09
C THR B 361 20.52 -3.57 9.29
N ILE B 362 20.37 -2.82 8.20
CA ILE B 362 20.14 -1.39 8.29
C ILE B 362 18.88 -1.12 7.47
N GLU B 363 18.00 -0.27 7.96
CA GLU B 363 16.72 -0.13 7.29
C GLU B 363 16.28 1.31 7.12
N CYS B 364 15.46 1.50 6.10
CA CYS B 364 14.81 2.78 5.82
C CYS B 364 13.44 2.46 5.20
N PRO B 365 12.55 3.45 5.10
CA PRO B 365 11.25 3.14 4.49
C PRO B 365 11.38 2.85 3.00
N TYR B 366 10.69 1.82 2.51
CA TYR B 366 10.69 1.58 1.07
C TYR B 366 10.09 2.78 0.35
N GLY B 367 10.64 3.12 -0.81
CA GLY B 367 10.11 4.21 -1.61
C GLY B 367 10.68 5.57 -1.26
N TRP B 368 11.36 5.66 -0.12
CA TRP B 368 12.15 6.86 0.18
C TRP B 368 13.45 6.69 -0.59
N THR B 369 13.42 7.06 -1.86
CA THR B 369 14.44 6.62 -2.81
C THR B 369 15.84 7.10 -2.44
N ASP B 370 15.95 8.33 -1.95
CA ASP B 370 17.24 8.84 -1.53
C ASP B 370 17.81 8.06 -0.35
N TRP B 371 16.93 7.62 0.54
CA TRP B 371 17.40 6.89 1.71
C TRP B 371 17.74 5.46 1.36
N MET B 372 17.08 4.91 0.34
CA MET B 372 17.41 3.56 -0.13
C MET B 372 18.85 3.58 -0.65
N VAL B 373 19.16 4.56 -1.50
CA VAL B 373 20.52 4.71 -1.99
C VAL B 373 21.50 4.96 -0.84
N SER B 374 21.10 5.79 0.13
CA SER B 374 21.98 6.11 1.25
C SER B 374 22.32 4.88 2.10
N ILE B 375 21.34 4.03 2.42
CA ILE B 375 21.67 2.89 3.28
C ILE B 375 22.37 1.80 2.48
N GLN B 376 22.21 1.79 1.16
CA GLN B 376 23.03 0.90 0.33
C GLN B 376 24.49 1.35 0.47
N SER B 377 24.69 2.66 0.46
CA SER B 377 26.04 3.24 0.51
C SER B 377 26.67 2.93 1.86
N ILE B 378 25.90 3.12 2.93
CA ILE B 378 26.37 2.83 4.27
C ILE B 378 26.70 1.35 4.45
N ALA B 379 25.78 0.46 4.04
CA ALA B 379 26.03 -0.97 4.12
C ALA B 379 27.33 -1.32 3.39
N GLU B 380 27.50 -0.76 2.20
CA GLU B 380 28.73 -0.86 1.40
C GLU B 380 30.00 -0.58 2.20
N ASP B 381 29.97 0.56 2.91
CA ASP B 381 31.12 1.00 3.70
C ASP B 381 31.42 0.02 4.83
N LEU B 382 30.38 -0.44 5.50
CA LEU B 382 30.54 -1.33 6.63
C LEU B 382 31.04 -2.68 6.17
N VAL B 383 30.51 -3.14 5.03
CA VAL B 383 30.96 -4.41 4.46
C VAL B 383 32.44 -4.29 4.10
N LYS B 384 32.87 -3.11 3.68
CA LYS B 384 34.24 -3.02 3.17
C LYS B 384 35.27 -3.08 4.32
N VAL B 385 34.85 -2.84 5.55
CA VAL B 385 35.73 -3.14 6.68
C VAL B 385 35.31 -4.42 7.41
N GLY B 386 34.58 -5.29 6.71
CA GLY B 386 34.30 -6.62 7.21
C GLY B 386 33.07 -6.77 8.10
N ILE B 387 32.24 -5.74 8.19
CA ILE B 387 31.02 -5.86 8.98
C ILE B 387 29.84 -6.23 8.07
N ASN B 388 29.29 -7.43 8.24
CA ASN B 388 28.22 -7.85 7.34
C ASN B 388 26.91 -7.11 7.60
N VAL B 389 26.62 -6.10 6.78
CA VAL B 389 25.40 -5.32 6.93
C VAL B 389 24.56 -5.42 5.66
N GLU B 390 23.28 -5.72 5.84
CA GLU B 390 22.36 -5.81 4.70
C GLU B 390 21.28 -4.75 4.77
N PRO B 391 21.10 -4.00 3.69
CA PRO B 391 20.00 -3.03 3.65
C PRO B 391 18.61 -3.70 3.54
N LYS B 392 17.64 -3.16 4.27
CA LYS B 392 16.27 -3.67 4.24
C LYS B 392 15.32 -2.50 3.99
N TYR B 393 14.21 -2.75 3.31
CA TYR B 393 13.28 -1.67 2.97
C TYR B 393 11.86 -2.05 3.33
N PRO B 394 11.55 -2.10 4.62
CA PRO B 394 10.17 -2.34 5.06
C PRO B 394 9.31 -1.19 4.60
N ASP B 395 8.00 -1.40 4.46
N ASP B 395 8.00 -1.41 4.45
CA ASP B 395 7.16 -0.27 4.13
CA ASP B 395 7.09 -0.32 4.15
C ASP B 395 7.19 0.69 5.31
C ASP B 395 7.12 0.66 5.34
N TYR B 396 6.73 1.90 5.08
CA TYR B 396 6.80 2.94 6.11
C TYR B 396 6.20 2.53 7.46
N SER B 397 5.03 1.89 7.44
CA SER B 397 4.40 1.48 8.69
C SER B 397 5.27 0.50 9.50
N LYS B 398 5.85 -0.47 8.82
N LYS B 398 5.85 -0.48 8.83
CA LYS B 398 6.73 -1.46 9.47
CA LYS B 398 6.72 -1.43 9.53
C LYS B 398 8.01 -0.81 9.97
C LYS B 398 7.98 -0.73 10.02
N TYR B 399 8.56 0.11 9.16
CA TYR B 399 9.73 0.88 9.53
C TYR B 399 9.44 1.66 10.81
N ALA B 400 8.29 2.33 10.86
CA ALA B 400 7.96 3.18 12.00
C ALA B 400 7.75 2.32 13.24
N ASP B 401 7.15 1.13 13.08
CA ASP B 401 6.97 0.25 14.22
C ASP B 401 8.31 -0.26 14.73
N ASP B 402 9.18 -0.64 13.80
CA ASP B 402 10.55 -1.03 14.14
C ASP B 402 11.25 0.10 14.92
N LEU B 403 11.16 1.31 14.39
CA LEU B 403 11.78 2.46 15.01
C LEU B 403 11.25 2.72 16.41
N TYR B 404 9.94 2.95 16.52
CA TYR B 404 9.35 3.28 17.83
C TYR B 404 9.49 2.16 18.86
N GLY B 405 9.42 0.91 18.39
CA GLY B 405 9.53 -0.22 19.29
C GLY B 405 10.95 -0.66 19.63
N GLY B 406 11.92 -0.09 18.93
CA GLY B 406 13.31 -0.48 19.11
C GLY B 406 13.68 -1.84 18.53
N LYS B 407 12.91 -2.32 17.57
N LYS B 407 12.88 -2.34 17.61
CA LYS B 407 13.16 -3.62 16.95
CA LYS B 407 13.18 -3.61 16.95
C LYS B 407 13.93 -3.49 15.64
C LYS B 407 13.91 -3.35 15.64
N PHE B 408 15.21 -3.15 15.75
CA PHE B 408 16.07 -2.93 14.57
C PHE B 408 17.49 -3.21 15.02
N ASP B 409 18.42 -3.27 14.07
CA ASP B 409 19.84 -3.30 14.40
C ASP B 409 20.36 -1.89 14.22
N LEU B 410 20.41 -1.49 12.95
N LEU B 410 20.44 -1.49 12.95
CA LEU B 410 20.75 -0.13 12.53
CA LEU B 410 20.76 -0.13 12.54
C LEU B 410 19.54 0.47 11.83
C LEU B 410 19.53 0.47 11.86
N ILE B 411 19.25 1.73 12.12
CA ILE B 411 18.13 2.36 11.45
C ILE B 411 18.46 3.82 11.12
N LEU B 412 18.24 4.17 9.85
CA LEU B 412 18.43 5.54 9.39
C LEU B 412 17.20 6.35 9.78
N ASN B 413 17.39 7.47 10.45
CA ASN B 413 16.24 8.25 10.90
C ASN B 413 16.60 9.71 11.12
N ASN B 414 15.59 10.57 11.14
CA ASN B 414 15.80 12.00 11.31
C ASN B 414 14.57 12.65 11.95
N PHE B 415 13.72 11.84 12.58
CA PHE B 415 12.41 12.35 13.02
C PHE B 415 12.50 13.39 14.13
N THR B 416 13.49 13.26 15.01
CA THR B 416 13.53 14.09 16.21
C THR B 416 14.69 15.09 16.23
N THR B 417 15.40 15.20 15.12
CA THR B 417 16.59 16.03 15.00
C THR B 417 16.34 17.24 14.08
N GLY B 418 15.06 17.62 13.99
CA GLY B 418 14.66 18.72 13.14
C GLY B 418 14.89 20.11 13.68
N VAL B 419 14.89 21.06 12.75
CA VAL B 419 14.81 22.50 13.04
C VAL B 419 13.83 22.80 14.17
N SER B 420 14.26 23.62 15.12
CA SER B 420 13.45 23.89 16.30
C SER B 420 13.85 25.23 16.90
N ALA B 421 13.22 25.58 18.02
CA ALA B 421 13.54 26.82 18.72
C ALA B 421 14.66 26.63 19.74
N THR B 422 15.15 25.40 19.90
CA THR B 422 16.19 25.16 20.89
C THR B 422 17.07 23.95 20.61
N ILE B 423 18.37 24.10 20.82
CA ILE B 423 19.29 22.99 20.66
C ILE B 423 18.97 21.84 21.62
N TRP B 424 18.21 22.12 22.67
CA TRP B 424 17.75 21.07 23.58
C TRP B 424 16.97 19.99 22.83
N SER B 425 16.21 20.38 21.81
CA SER B 425 15.36 19.38 21.15
C SER B 425 16.21 18.36 20.39
N TYR B 426 17.37 18.79 19.89
CA TYR B 426 18.28 17.87 19.25
C TYR B 426 18.81 16.82 20.24
N PHE B 427 19.34 17.29 21.35
CA PHE B 427 19.94 16.36 22.30
C PHE B 427 18.87 15.49 22.95
N ASN B 428 17.67 16.01 23.11
CA ASN B 428 16.57 15.19 23.57
C ASN B 428 16.18 14.17 22.51
N GLY B 429 16.20 14.58 21.25
CA GLY B 429 15.89 13.68 20.16
C GLY B 429 16.87 12.52 20.06
N VAL B 430 18.11 12.80 20.40
CA VAL B 430 19.13 11.77 20.48
C VAL B 430 19.01 10.91 21.73
N PHE B 431 18.95 11.54 22.90
CA PHE B 431 19.11 10.83 24.17
C PHE B 431 17.84 10.46 24.93
N TYR B 432 16.69 11.04 24.55
CA TYR B 432 15.39 10.83 25.23
C TYR B 432 15.36 9.69 26.28
N PRO B 433 15.67 10.02 27.54
CA PRO B 433 15.85 8.99 28.58
C PRO B 433 14.66 8.05 28.78
N ASP B 434 13.43 8.54 28.61
CA ASP B 434 12.27 7.70 28.89
C ASP B 434 12.11 6.55 27.87
N ALA B 435 12.84 6.61 26.76
CA ALA B 435 12.82 5.53 25.78
C ALA B 435 13.26 4.19 26.36
N VAL B 436 14.15 4.22 27.35
CA VAL B 436 14.81 3.00 27.83
C VAL B 436 13.85 2.00 28.46
N GLU B 437 13.03 2.49 29.39
CA GLU B 437 12.13 1.61 30.12
C GLU B 437 10.75 1.55 29.48
N SER B 438 10.52 2.37 28.46
CA SER B 438 9.21 2.41 27.81
C SER B 438 9.10 1.41 26.67
N GLU B 439 7.92 0.82 26.53
CA GLU B 439 7.66 -0.12 25.45
C GLU B 439 7.88 0.53 24.07
N TYR B 440 7.20 1.65 23.82
CA TYR B 440 7.43 2.42 22.60
C TYR B 440 8.00 3.79 22.92
N SER B 441 8.87 4.27 22.05
CA SER B 441 9.35 5.65 22.13
C SER B 441 9.03 6.37 20.86
N TYR B 442 8.37 7.52 20.97
CA TYR B 442 8.07 8.33 19.80
C TYR B 442 8.87 9.62 19.81
N SER B 443 9.72 9.80 20.81
CA SER B 443 10.36 11.10 20.99
C SER B 443 11.88 11.08 20.82
N GLY B 444 12.45 9.91 20.55
CA GLY B 444 13.88 9.82 20.38
C GLY B 444 14.53 8.65 21.09
N ASN B 445 15.86 8.57 21.00
CA ASN B 445 16.63 7.49 21.65
C ASN B 445 16.00 6.15 21.31
N PHE B 446 15.77 5.92 20.03
CA PHE B 446 15.00 4.77 19.59
C PHE B 446 15.72 3.45 19.86
N GLY B 447 17.04 3.51 20.01
CA GLY B 447 17.84 2.34 20.35
C GLY B 447 17.99 2.10 21.85
N LYS B 448 17.32 2.92 22.66
CA LYS B 448 17.16 2.69 24.11
C LYS B 448 18.51 2.67 24.85
N TYR B 449 19.35 3.64 24.52
CA TYR B 449 20.59 3.92 25.22
C TYR B 449 20.36 4.59 26.57
N ALA B 450 20.95 4.01 27.62
CA ALA B 450 20.82 4.51 28.97
C ALA B 450 22.12 5.18 29.43
N ASN B 451 21.98 6.29 30.16
CA ASN B 451 23.13 6.97 30.73
C ASN B 451 22.65 7.97 31.76
N PRO B 452 22.68 7.61 33.05
CA PRO B 452 22.18 8.52 34.10
C PRO B 452 22.82 9.91 34.08
N GLU B 453 24.12 10.00 33.78
CA GLU B 453 24.75 11.30 33.69
C GLU B 453 24.14 12.17 32.59
N VAL B 454 23.79 11.55 31.47
CA VAL B 454 23.19 12.29 30.36
C VAL B 454 21.85 12.94 30.74
N GLU B 455 21.02 12.25 31.51
CA GLU B 455 19.72 12.85 31.83
C GLU B 455 19.88 14.04 32.77
N THR B 456 20.92 14.05 33.59
CA THR B 456 21.11 15.19 34.46
C THR B 456 21.58 16.38 33.64
N LEU B 457 22.42 16.13 32.65
CA LEU B 457 22.86 17.20 31.75
C LEU B 457 21.73 17.71 30.85
N LEU B 458 20.90 16.81 30.32
CA LEU B 458 19.73 17.24 29.56
C LEU B 458 18.88 18.19 30.36
N ASP B 459 18.69 17.87 31.64
CA ASP B 459 17.86 18.69 32.51
C ASP B 459 18.50 20.02 32.76
N GLU B 460 19.82 20.01 32.93
CA GLU B 460 20.55 21.23 33.22
C GLU B 460 20.44 22.18 32.04
N LEU B 461 20.60 21.62 30.84
CA LEU B 461 20.43 22.36 29.60
C LEU B 461 19.03 22.95 29.53
N ASN B 462 18.04 22.11 29.82
CA ASN B 462 16.63 22.47 29.78
C ASN B 462 16.32 23.66 30.70
N ARG B 463 16.87 23.63 31.92
CA ARG B 463 16.61 24.65 32.94
C ARG B 463 17.36 25.95 32.73
N SER B 464 18.30 25.95 31.80
CA SER B 464 19.17 27.12 31.65
C SER B 464 18.57 28.13 30.69
N ASN B 465 18.89 29.39 30.94
CA ASN B 465 18.47 30.47 30.06
C ASN B 465 19.65 31.39 29.79
N ASP B 466 20.85 30.93 30.17
CA ASP B 466 22.07 31.71 30.00
C ASP B 466 22.97 31.07 28.94
N ASP B 467 23.41 31.88 27.97
CA ASP B 467 24.13 31.34 26.80
C ASP B 467 25.43 30.63 27.16
N ALA B 468 26.13 31.17 28.15
CA ALA B 468 27.36 30.56 28.63
C ALA B 468 27.10 29.17 29.24
N LYS B 469 26.07 29.07 30.07
CA LYS B 469 25.74 27.80 30.72
C LYS B 469 25.33 26.76 29.68
N ILE B 470 24.49 27.19 28.73
CA ILE B 470 24.05 26.32 27.64
C ILE B 470 25.23 25.77 26.85
N LYS B 471 26.13 26.66 26.44
CA LYS B 471 27.32 26.26 25.70
C LYS B 471 28.11 25.19 26.46
N GLU B 472 28.26 25.42 27.76
CA GLU B 472 28.96 24.51 28.66
C GLU B 472 28.32 23.12 28.72
N VAL B 473 27.00 23.08 28.85
CA VAL B 473 26.29 21.81 28.96
C VAL B 473 26.27 21.09 27.62
N VAL B 474 26.15 21.86 26.54
CA VAL B 474 26.15 21.29 25.20
C VAL B 474 27.47 20.56 24.94
N ALA B 475 28.57 21.15 25.41
CA ALA B 475 29.88 20.54 25.26
C ALA B 475 29.90 19.19 25.97
N LYS B 476 29.33 19.14 27.17
CA LYS B 476 29.33 17.89 27.94
C LYS B 476 28.46 16.83 27.29
N LEU B 477 27.27 17.22 26.80
CA LEU B 477 26.41 16.28 26.09
C LEU B 477 27.08 15.76 24.82
N SER B 478 27.72 16.66 24.10
CA SER B 478 28.37 16.31 22.85
C SER B 478 29.55 15.38 23.06
N GLU B 479 30.27 15.57 24.16
CA GLU B 479 31.39 14.68 24.47
C GLU B 479 30.89 13.24 24.68
N ILE B 480 29.81 13.07 25.44
CA ILE B 480 29.24 11.74 25.65
C ILE B 480 28.64 11.18 24.34
N LEU B 481 28.01 12.03 23.54
CA LEU B 481 27.53 11.59 22.24
C LEU B 481 28.67 11.01 21.40
N LEU B 482 29.82 11.71 21.38
CA LEU B 482 30.95 11.30 20.54
C LEU B 482 31.69 10.10 21.11
N LYS B 483 31.65 9.94 22.42
CA LYS B 483 32.24 8.77 23.05
C LYS B 483 31.42 7.51 22.87
N ASP B 484 30.09 7.60 23.08
CA ASP B 484 29.27 6.39 23.12
C ASP B 484 28.48 6.12 21.83
N LEU B 485 28.36 7.13 20.98
CA LEU B 485 27.63 7.05 19.70
C LEU B 485 26.38 6.16 19.67
N PRO B 486 25.36 6.51 20.46
CA PRO B 486 24.10 5.78 20.32
C PRO B 486 23.39 6.16 19.02
N PHE B 487 23.81 7.30 18.49
CA PHE B 487 23.32 7.87 17.24
C PHE B 487 24.55 8.37 16.45
N ILE B 488 24.69 7.94 15.20
CA ILE B 488 25.81 8.40 14.39
C ILE B 488 25.31 9.42 13.38
N PRO B 489 25.64 10.71 13.58
CA PRO B 489 25.17 11.72 12.63
C PRO B 489 25.95 11.65 11.31
N LEU B 490 25.25 11.78 10.18
CA LEU B 490 25.89 11.61 8.88
C LEU B 490 25.71 12.78 7.92
N TRP B 491 24.48 13.28 7.75
CA TRP B 491 24.28 14.45 6.90
C TRP B 491 23.05 15.21 7.36
N TYR B 492 22.87 16.42 6.83
CA TYR B 492 21.64 17.15 7.11
C TYR B 492 20.65 16.90 5.98
N ASN B 493 19.56 16.19 6.29
CA ASN B 493 18.59 15.86 5.26
C ASN B 493 17.89 17.15 4.85
N GLY B 494 17.43 17.21 3.61
CA GLY B 494 16.83 18.43 3.10
C GLY B 494 15.40 18.67 3.57
N ALA B 495 15.01 19.94 3.62
CA ALA B 495 13.61 20.31 3.73
C ALA B 495 13.07 20.25 2.30
N TRP B 496 12.73 19.04 1.84
CA TRP B 496 12.40 18.87 0.42
C TRP B 496 11.18 19.70 0.05
N PHE B 497 11.36 20.58 -0.94
CA PHE B 497 10.30 21.41 -1.44
C PHE B 497 10.54 21.74 -2.91
N GLN B 498 9.61 21.32 -3.76
CA GLN B 498 9.56 21.78 -5.14
C GLN B 498 8.11 22.07 -5.43
N ALA B 499 7.82 23.03 -6.27
CA ALA B 499 6.44 23.30 -6.63
C ALA B 499 6.28 23.52 -8.13
N SER B 500 5.13 23.11 -8.62
CA SER B 500 4.67 23.46 -9.95
C SER B 500 4.02 24.82 -9.92
N GLU B 501 4.27 25.62 -10.94
CA GLU B 501 3.54 26.88 -11.11
C GLU B 501 2.46 26.78 -12.18
N ALA B 502 2.00 25.58 -12.49
CA ALA B 502 0.97 25.43 -13.52
C ALA B 502 -0.33 26.10 -13.08
N VAL B 503 -0.61 26.02 -11.79
CA VAL B 503 -1.86 26.54 -11.24
C VAL B 503 -1.64 27.60 -10.14
N TRP B 504 -0.77 27.26 -9.20
CA TRP B 504 -0.47 28.10 -8.05
C TRP B 504 0.86 28.77 -8.21
N THR B 505 0.92 30.06 -7.89
N THR B 505 0.91 30.06 -7.90
CA THR B 505 2.17 30.79 -7.98
CA THR B 505 2.15 30.83 -7.99
C THR B 505 2.38 31.59 -6.69
C THR B 505 2.41 31.56 -6.67
N ASN B 506 3.43 32.40 -6.66
CA ASN B 506 3.87 33.11 -5.46
C ASN B 506 4.22 32.17 -4.32
N TRP B 507 4.93 31.10 -4.64
CA TRP B 507 5.49 30.23 -3.62
C TRP B 507 6.57 30.97 -2.81
N PRO B 508 6.67 30.65 -1.52
CA PRO B 508 7.74 31.25 -0.72
C PRO B 508 9.09 30.74 -1.22
N THR B 509 10.07 31.63 -1.28
CA THR B 509 11.42 31.27 -1.70
C THR B 509 12.42 32.08 -0.86
N GLU B 510 13.71 31.84 -1.08
CA GLU B 510 14.74 32.62 -0.41
C GLU B 510 14.48 34.14 -0.56
N LYS B 511 14.09 34.55 -1.76
CA LYS B 511 13.88 35.96 -2.07
C LYS B 511 12.50 36.46 -1.66
N ASN B 512 11.61 35.52 -1.38
CA ASN B 512 10.22 35.79 -1.05
C ASN B 512 9.85 34.98 0.21
N PRO B 513 10.59 35.18 1.32
CA PRO B 513 10.58 34.18 2.40
C PRO B 513 9.47 34.37 3.44
N TYR B 514 8.21 34.29 2.99
CA TYR B 514 7.07 34.58 3.85
C TYR B 514 6.61 33.38 4.68
N ALA B 515 7.13 32.19 4.34
CA ALA B 515 6.78 30.96 5.04
C ALA B 515 7.80 29.87 4.71
N VAL B 516 7.89 28.85 5.57
CA VAL B 516 8.73 27.69 5.27
C VAL B 516 7.81 26.65 4.64
N PRO B 517 7.99 26.35 3.35
CA PRO B 517 6.91 25.60 2.68
C PRO B 517 7.01 24.09 2.86
N ILE B 518 6.91 23.65 4.12
CA ILE B 518 7.02 22.23 4.45
C ILE B 518 5.78 21.82 5.24
N GLY B 519 5.10 20.77 4.80
CA GLY B 519 3.89 20.32 5.47
C GLY B 519 3.98 18.96 6.18
N TRP B 520 5.19 18.43 6.34
CA TRP B 520 5.39 17.27 7.18
C TRP B 520 4.83 17.55 8.57
N ASN B 521 4.38 16.51 9.26
CA ASN B 521 3.97 16.71 10.65
C ASN B 521 5.11 17.35 11.43
N GLY B 522 4.78 18.36 12.24
CA GLY B 522 5.80 19.09 12.97
C GLY B 522 6.16 20.41 12.30
N TRP B 523 5.85 20.55 11.02
CA TRP B 523 6.30 21.72 10.29
C TRP B 523 5.25 22.79 10.01
N TRP B 524 3.97 22.46 10.15
CA TRP B 524 2.92 23.48 10.01
C TRP B 524 3.13 24.60 11.03
N GLN B 525 3.52 24.21 12.24
CA GLN B 525 3.79 25.15 13.33
C GLN B 525 5.15 25.82 13.24
N LEU B 526 5.95 25.42 12.26
CA LEU B 526 7.20 26.08 11.92
C LEU B 526 6.99 27.04 10.73
N THR B 527 5.72 27.41 10.54
CA THR B 527 5.20 28.37 9.55
C THR B 527 4.82 27.72 8.23
N GLY B 528 4.81 26.39 8.16
CA GLY B 528 4.28 25.75 6.97
C GLY B 528 2.88 26.23 6.67
N ILE B 529 2.12 26.51 7.73
CA ILE B 529 0.73 26.94 7.57
C ILE B 529 0.62 28.26 6.79
N LYS B 530 1.64 29.09 6.87
CA LYS B 530 1.55 30.41 6.25
C LYS B 530 1.73 30.34 4.75
N THR B 531 2.22 29.20 4.25
CA THR B 531 2.26 28.95 2.82
C THR B 531 0.91 29.19 2.18
N LEU B 532 -0.14 28.76 2.88
CA LEU B 532 -1.49 28.74 2.32
C LEU B 532 -2.11 30.12 2.12
N PHE B 533 -1.56 31.12 2.80
CA PHE B 533 -2.11 32.48 2.73
C PHE B 533 -1.43 33.28 1.63
N GLY B 534 -0.24 32.84 1.22
CA GLY B 534 0.56 33.58 0.28
C GLY B 534 0.42 33.13 -1.17
N ILE B 535 0.25 31.83 -1.39
CA ILE B 535 0.14 31.34 -2.78
C ILE B 535 -1.09 31.90 -3.48
N GLU B 536 -1.00 32.02 -4.80
CA GLU B 536 -2.06 32.64 -5.58
C GLU B 536 -2.44 31.72 -6.72
N ALA B 537 -3.73 31.62 -6.99
CA ALA B 537 -4.17 30.84 -8.13
C ALA B 537 -4.22 31.71 -9.36
N LYS B 538 -3.47 31.29 -10.39
CA LYS B 538 -3.39 31.98 -11.68
C LYS B 538 -4.75 32.45 -12.20
N HIS B 539 -5.78 31.66 -11.95
CA HIS B 539 -7.15 32.08 -12.24
C HIS B 539 -7.53 33.32 -11.44
#